data_4G74
#
_entry.id   4G74
#
_cell.length_a   132.909
_cell.length_b   230.844
_cell.length_c   112.450
_cell.angle_alpha   90.00
_cell.angle_beta   90.00
_cell.angle_gamma   90.00
#
_symmetry.space_group_name_H-M   'C 2 2 21'
#
loop_
_entity.id
_entity.type
_entity.pdbx_description
1 polymer 'Rotenone-insensitive NADH-ubiquinone oxidoreductase, mitochondrial'
2 non-polymer 2,3-DIMETHOXY-5-METHYL-6-(3,11,15,19-TETRAMETHYL-EICOSA-2,6,10,14,18-PENTAENYL)-[1,4]BENZOQUINONE
3 non-polymer 'FRAGMENT OF TRITON X-100'
4 non-polymer 'MAGNESIUM ION'
5 non-polymer 'FLAVIN-ADENINE DINUCLEOTIDE'
6 water water
#
_entity_poly.entity_id   1
_entity_poly.type   'polypeptide(L)'
_entity_poly.pdbx_seq_one_letter_code
;MRGSHHHHHHGSSTRSTGVENSGAGPTSFKTMKVIDPQHSDKPNVLILGSGWGAISFLKHIDTKKYNVSIISPRSYFLFT
PLLPSAPVGTVDEKSIIEPIVNFALKKKGNVTYYEAEATSINPDRNTVTIKSLSAVSQLYQPENHLGLHQAEPAEIKYDY
LISAVGAEPNTFGIPGVTDYGHFLKEIPNSLEIRRTFAANLEKANLLPKGDPERRRLLSIVVVGGGPTGVEAAGELQDYV
HQDLRKFLPALAEEVQIHLVEALPIVLNMFEKKLSSYAQSHLENTSIKVHLRTAVAKVEEKQLLAKTKHEDGKITEETIP
YGTLIWATGNKARPVITDLFKKIPEQNSSKRGLAVNDFLQVKGSNNIFAIGDNAFAGLPPTAQVAHQEAEYLAKNFDKMA
QIPNFQKNLSSRKDKIDLLFEENNFKPFKYNDLGALAYLGSERAIATIRSGKRTFYTGGGLMTFYLWRILYLSMILSARS
RLKVFFDWIKLAFFKRDFFKGL
;
_entity_poly.pdbx_strand_id   A,B
#
# COMPACT_ATOMS: atom_id res chain seq x y z
N GLY A 25 13.11 21.43 -40.65
CA GLY A 25 12.97 22.36 -41.76
C GLY A 25 11.58 22.32 -42.39
N PRO A 26 11.41 22.98 -43.54
CA PRO A 26 10.14 22.96 -44.29
C PRO A 26 9.85 21.59 -44.91
N THR A 27 10.86 20.73 -44.98
CA THR A 27 10.69 19.40 -45.57
C THR A 27 10.40 18.33 -44.50
N SER A 28 10.13 18.79 -43.28
CA SER A 28 9.86 17.92 -42.15
C SER A 28 8.69 16.95 -42.37
N PHE A 29 8.87 15.71 -41.93
CA PHE A 29 7.82 14.69 -41.98
C PHE A 29 6.94 14.67 -40.74
N LYS A 30 7.22 15.59 -39.80
CA LYS A 30 6.48 15.74 -38.55
C LYS A 30 5.01 15.36 -38.70
N THR A 31 4.60 14.30 -38.01
CA THR A 31 3.21 13.93 -38.01
C THR A 31 2.78 13.46 -36.62
N MET A 32 1.90 14.26 -36.03
CA MET A 32 1.40 14.04 -34.69
C MET A 32 0.05 13.36 -34.82
N LYS A 33 -0.13 12.18 -34.21
CA LYS A 33 -1.47 11.59 -34.23
C LYS A 33 -2.50 12.53 -33.57
N VAL A 34 -3.64 12.71 -34.23
CA VAL A 34 -4.66 13.61 -33.73
C VAL A 34 -5.94 12.81 -33.54
N ILE A 35 -6.44 12.75 -32.30
CA ILE A 35 -7.69 12.04 -32.03
C ILE A 35 -8.86 13.01 -32.08
N ASP A 36 -9.79 12.78 -33.03
CA ASP A 36 -10.94 13.68 -33.22
C ASP A 36 -12.24 12.93 -33.46
N PRO A 37 -12.92 12.52 -32.38
CA PRO A 37 -14.14 11.70 -32.40
C PRO A 37 -15.34 12.41 -33.03
N GLN A 38 -15.81 11.93 -34.17
CA GLN A 38 -16.93 12.58 -34.85
C GLN A 38 -18.10 11.67 -35.23
N HIS A 39 -18.21 10.52 -34.56
CA HIS A 39 -19.38 9.66 -34.71
C HIS A 39 -20.64 10.47 -34.48
N SER A 40 -20.86 10.89 -33.23
CA SER A 40 -22.03 11.70 -32.89
C SER A 40 -21.83 13.18 -33.15
N ASP A 41 -22.90 13.96 -32.96
CA ASP A 41 -22.82 15.41 -33.08
C ASP A 41 -22.87 16.10 -31.74
N LYS A 42 -22.74 15.31 -30.67
CA LYS A 42 -22.54 15.87 -29.34
C LYS A 42 -21.19 16.56 -29.33
N PRO A 43 -21.13 17.73 -28.66
CA PRO A 43 -19.82 18.40 -28.53
C PRO A 43 -18.87 17.55 -27.70
N ASN A 44 -17.58 17.60 -28.02
CA ASN A 44 -16.56 16.90 -27.27
C ASN A 44 -16.03 17.79 -26.15
N VAL A 45 -16.28 17.38 -24.91
CA VAL A 45 -15.77 18.10 -23.75
C VAL A 45 -14.52 17.37 -23.28
N LEU A 46 -13.43 18.12 -23.11
CA LEU A 46 -12.17 17.53 -22.66
C LEU A 46 -11.79 18.13 -21.30
N ILE A 47 -11.59 17.26 -20.32
CA ILE A 47 -11.25 17.70 -18.99
C ILE A 47 -9.79 17.35 -18.73
N LEU A 48 -9.04 18.30 -18.20
CA LEU A 48 -7.66 18.05 -17.81
C LEU A 48 -7.59 17.96 -16.29
N GLY A 49 -7.12 16.82 -15.78
CA GLY A 49 -6.94 16.61 -14.35
C GLY A 49 -7.88 15.57 -13.75
N SER A 50 -7.60 15.13 -12.51
CA SER A 50 -8.49 14.16 -11.89
C SER A 50 -8.64 14.43 -10.39
N GLY A 51 -8.75 15.71 -10.05
CA GLY A 51 -8.81 16.14 -8.68
C GLY A 51 -10.13 16.85 -8.41
N TRP A 52 -10.11 17.79 -7.48
CA TRP A 52 -11.34 18.43 -7.04
C TRP A 52 -12.15 19.05 -8.18
N GLY A 53 -11.52 19.94 -8.95
CA GLY A 53 -12.21 20.55 -10.07
C GLY A 53 -12.71 19.50 -11.07
N ALA A 54 -11.82 18.69 -11.60
CA ALA A 54 -12.18 17.75 -12.67
C ALA A 54 -13.23 16.72 -12.27
N ILE A 55 -13.07 16.13 -11.08
CA ILE A 55 -13.96 15.05 -10.69
C ILE A 55 -15.35 15.59 -10.33
N SER A 56 -15.39 16.71 -9.61
CA SER A 56 -16.67 17.33 -9.29
C SER A 56 -17.42 17.72 -10.57
N PHE A 57 -16.68 18.28 -11.53
CA PHE A 57 -17.29 18.63 -12.81
C PHE A 57 -17.83 17.37 -13.46
N LEU A 58 -17.01 16.31 -13.47
CA LEU A 58 -17.40 15.03 -14.06
C LEU A 58 -18.68 14.49 -13.44
N LYS A 59 -18.80 14.60 -12.11
CA LYS A 59 -19.99 14.10 -11.41
C LYS A 59 -21.26 14.81 -11.89
N HIS A 60 -21.14 16.09 -12.23
CA HIS A 60 -22.32 16.87 -12.62
C HIS A 60 -22.56 16.99 -14.14
N ILE A 61 -21.53 16.82 -14.97
CA ILE A 61 -21.70 17.04 -16.41
C ILE A 61 -22.73 16.07 -17.01
N ASP A 62 -23.55 16.56 -17.94
CA ASP A 62 -24.56 15.69 -18.59
C ASP A 62 -23.94 14.94 -19.79
N THR A 63 -23.66 13.65 -19.59
CA THR A 63 -23.04 12.86 -20.65
C THR A 63 -24.05 12.38 -21.68
N LYS A 64 -25.32 12.68 -21.45
CA LYS A 64 -26.36 12.44 -22.45
C LYS A 64 -26.33 13.54 -23.52
N LYS A 65 -25.70 14.66 -23.20
CA LYS A 65 -25.64 15.81 -24.11
C LYS A 65 -24.23 16.06 -24.65
N TYR A 66 -23.23 15.55 -23.94
CA TYR A 66 -21.83 15.82 -24.28
C TYR A 66 -21.01 14.53 -24.27
N ASN A 67 -20.00 14.45 -25.13
CA ASN A 67 -19.04 13.37 -25.04
C ASN A 67 -17.89 13.84 -24.17
N VAL A 68 -17.59 13.10 -23.09
CA VAL A 68 -16.58 13.54 -22.15
C VAL A 68 -15.31 12.71 -22.25
N SER A 69 -14.17 13.42 -22.24
CA SER A 69 -12.85 12.79 -22.18
C SER A 69 -12.05 13.46 -21.08
N ILE A 70 -11.18 12.69 -20.43
CA ILE A 70 -10.38 13.18 -19.32
C ILE A 70 -8.92 12.83 -19.54
N ILE A 71 -8.04 13.83 -19.46
CA ILE A 71 -6.61 13.59 -19.47
C ILE A 71 -6.02 13.86 -18.09
N SER A 72 -5.41 12.83 -17.49
CA SER A 72 -4.75 12.97 -16.20
C SER A 72 -3.74 11.84 -15.98
N PRO A 73 -2.53 12.20 -15.53
CA PRO A 73 -1.48 11.20 -15.25
C PRO A 73 -1.77 10.39 -13.97
N ARG A 74 -2.79 10.80 -13.21
CA ARG A 74 -3.20 10.11 -11.97
C ARG A 74 -4.57 9.46 -12.17
N SER A 75 -4.66 8.15 -12.00
CA SER A 75 -5.87 7.42 -12.36
C SER A 75 -6.92 7.44 -11.27
N TYR A 76 -6.67 8.21 -10.22
CA TYR A 76 -7.63 8.28 -9.12
C TYR A 76 -7.85 9.70 -8.64
N PHE A 77 -9.00 9.91 -8.02
CA PHE A 77 -9.26 11.14 -7.28
C PHE A 77 -8.64 11.06 -5.88
N LEU A 78 -8.01 12.15 -5.46
CA LEU A 78 -7.40 12.20 -4.13
C LEU A 78 -8.19 13.13 -3.20
N PHE A 79 -8.76 12.56 -2.15
CA PHE A 79 -9.46 13.36 -1.14
C PHE A 79 -8.44 14.08 -0.25
N THR A 80 -7.96 15.24 -0.71
CA THR A 80 -6.83 15.92 -0.05
C THR A 80 -6.88 16.17 1.47
N PRO A 81 -8.05 16.56 2.01
CA PRO A 81 -8.02 16.93 3.43
C PRO A 81 -7.57 15.82 4.37
N LEU A 82 -7.69 14.56 3.98
CA LEU A 82 -7.24 13.46 4.82
C LEU A 82 -5.82 12.99 4.51
N LEU A 83 -5.18 13.57 3.48
CA LEU A 83 -3.78 13.20 3.18
C LEU A 83 -2.80 13.37 4.35
N PRO A 84 -2.94 14.45 5.15
CA PRO A 84 -1.98 14.60 6.25
C PRO A 84 -2.11 13.50 7.31
N SER A 85 -3.19 12.75 7.28
CA SER A 85 -3.34 11.69 8.27
C SER A 85 -2.92 10.33 7.71
N ALA A 86 -2.60 10.30 6.42
CA ALA A 86 -2.11 9.09 5.75
C ALA A 86 -0.66 8.67 6.12
N PRO A 87 0.30 9.63 6.23
CA PRO A 87 1.67 9.17 6.51
C PRO A 87 1.79 8.29 7.76
N VAL A 88 1.03 8.55 8.82
CA VAL A 88 1.13 7.74 10.05
C VAL A 88 0.05 6.67 10.21
N GLY A 89 -0.80 6.52 9.21
CA GLY A 89 -1.70 5.37 9.20
C GLY A 89 -2.99 5.61 9.95
N THR A 90 -3.25 6.85 10.33
CA THR A 90 -4.55 7.19 10.89
C THR A 90 -5.63 6.78 9.88
N VAL A 91 -5.42 7.10 8.61
CA VAL A 91 -6.17 6.48 7.54
C VAL A 91 -5.16 5.82 6.61
N ASP A 92 -5.59 4.87 5.80
CA ASP A 92 -4.70 4.28 4.81
C ASP A 92 -4.76 5.08 3.51
N GLU A 93 -3.63 5.13 2.79
CA GLU A 93 -3.56 5.77 1.48
C GLU A 93 -4.69 5.34 0.53
N LYS A 94 -5.08 4.07 0.56
CA LYS A 94 -6.08 3.58 -0.39
C LYS A 94 -7.48 4.04 -0.03
N SER A 95 -7.68 4.33 1.25
CA SER A 95 -8.98 4.69 1.77
C SER A 95 -9.40 6.06 1.26
N ILE A 96 -8.43 6.95 1.09
CA ILE A 96 -8.74 8.32 0.68
C ILE A 96 -8.65 8.56 -0.83
N ILE A 97 -8.39 7.51 -1.61
CA ILE A 97 -8.42 7.68 -3.07
C ILE A 97 -9.55 6.87 -3.72
N GLU A 98 -9.94 7.30 -4.93
CA GLU A 98 -11.03 6.63 -5.66
C GLU A 98 -10.75 6.69 -7.16
N PRO A 99 -10.60 5.52 -7.80
CA PRO A 99 -10.31 5.39 -9.25
C PRO A 99 -11.29 6.17 -10.14
N ILE A 100 -10.77 6.98 -11.08
CA ILE A 100 -11.61 7.75 -12.04
C ILE A 100 -12.72 6.90 -12.65
N VAL A 101 -12.35 5.68 -13.01
CA VAL A 101 -13.23 4.74 -13.67
C VAL A 101 -14.50 4.49 -12.88
N ASN A 102 -14.40 4.42 -11.55
CA ASN A 102 -15.58 4.31 -10.70
C ASN A 102 -16.55 5.50 -10.80
N PHE A 103 -16.03 6.72 -10.95
CA PHE A 103 -16.91 7.87 -11.21
C PHE A 103 -17.48 7.76 -12.61
N ALA A 104 -16.66 7.31 -13.56
CA ALA A 104 -17.05 7.25 -14.97
C ALA A 104 -18.17 6.22 -15.23
N LEU A 105 -18.09 5.09 -14.55
CA LEU A 105 -19.10 4.03 -14.67
C LEU A 105 -20.49 4.51 -14.31
N LYS A 106 -20.58 5.46 -13.38
CA LYS A 106 -21.88 5.98 -12.98
C LYS A 106 -22.47 6.99 -13.96
N LYS A 107 -21.83 7.20 -15.10
CA LYS A 107 -22.35 8.15 -16.08
C LYS A 107 -23.09 7.43 -17.20
N LYS A 108 -24.20 7.99 -17.64
CA LYS A 108 -25.04 7.33 -18.62
C LYS A 108 -24.41 7.35 -20.01
N GLY A 109 -23.62 8.38 -20.30
CA GLY A 109 -23.04 8.53 -21.62
C GLY A 109 -21.66 7.88 -21.81
N ASN A 110 -20.93 8.39 -22.79
CA ASN A 110 -19.63 7.83 -23.13
C ASN A 110 -18.48 8.62 -22.53
N VAL A 111 -17.67 7.97 -21.70
CA VAL A 111 -16.52 8.61 -21.08
C VAL A 111 -15.22 7.90 -21.43
N THR A 112 -14.22 8.67 -21.81
CA THR A 112 -12.91 8.12 -22.12
C THR A 112 -11.87 8.72 -21.18
N TYR A 113 -10.99 7.89 -20.65
CA TYR A 113 -9.94 8.38 -19.77
C TYR A 113 -8.54 8.09 -20.32
N TYR A 114 -7.80 9.16 -20.63
CA TYR A 114 -6.40 9.03 -21.05
C TYR A 114 -5.48 9.16 -19.84
N GLU A 115 -4.90 8.06 -19.42
CA GLU A 115 -3.88 8.17 -18.39
C GLU A 115 -2.61 8.68 -19.05
N ALA A 116 -2.48 10.00 -19.08
CA ALA A 116 -1.36 10.64 -19.74
C ALA A 116 -1.19 12.03 -19.15
N GLU A 117 -0.14 12.73 -19.56
CA GLU A 117 0.13 14.07 -19.06
C GLU A 117 -0.07 15.13 -20.17
N ALA A 118 -0.95 16.11 -19.94
CA ALA A 118 -1.07 17.25 -20.86
C ALA A 118 0.22 18.07 -20.80
N THR A 119 0.93 18.15 -21.92
CA THR A 119 2.17 18.92 -21.95
C THR A 119 2.02 20.25 -22.67
N SER A 120 1.00 20.36 -23.52
CA SER A 120 0.77 21.60 -24.24
C SER A 120 -0.70 21.83 -24.60
N ILE A 121 -1.21 23.02 -24.28
CA ILE A 121 -2.55 23.39 -24.68
C ILE A 121 -2.42 24.26 -25.92
N ASN A 122 -3.07 23.82 -27.01
CA ASN A 122 -2.93 24.46 -28.31
C ASN A 122 -4.24 25.12 -28.72
N PRO A 123 -4.45 26.35 -28.23
CA PRO A 123 -5.80 26.93 -28.27
C PRO A 123 -6.24 27.23 -29.68
N ASP A 124 -5.31 27.52 -30.57
CA ASP A 124 -5.73 27.94 -31.91
C ASP A 124 -6.12 26.79 -32.85
N ARG A 125 -5.67 25.58 -32.53
CA ARG A 125 -6.18 24.39 -33.22
C ARG A 125 -7.07 23.50 -32.32
N ASN A 126 -7.46 24.04 -31.16
CA ASN A 126 -8.35 23.34 -30.22
C ASN A 126 -7.88 21.92 -29.91
N THR A 127 -6.65 21.81 -29.44
CA THR A 127 -6.06 20.50 -29.26
C THR A 127 -5.24 20.53 -27.97
N VAL A 128 -5.12 19.39 -27.31
CA VAL A 128 -4.20 19.24 -26.19
C VAL A 128 -3.17 18.16 -26.51
N THR A 129 -1.90 18.50 -26.40
CA THR A 129 -0.83 17.53 -26.59
C THR A 129 -0.62 16.72 -25.30
N ILE A 130 -0.51 15.40 -25.45
CA ILE A 130 -0.28 14.52 -24.31
C ILE A 130 1.02 13.74 -24.45
N LYS A 131 1.60 13.35 -23.31
CA LYS A 131 2.79 12.52 -23.29
C LYS A 131 2.76 11.58 -22.08
N SER A 132 3.71 10.66 -22.02
CA SER A 132 3.72 9.64 -20.97
C SER A 132 2.40 8.88 -20.93
N LEU A 133 1.81 8.63 -22.10
CA LEU A 133 0.62 7.80 -22.19
C LEU A 133 0.84 6.38 -21.62
N SER A 134 0.10 6.01 -20.58
CA SER A 134 0.21 4.67 -20.00
C SER A 134 -0.94 3.83 -20.48
N ALA A 135 -2.10 4.46 -20.65
CA ALA A 135 -3.33 3.71 -20.87
C ALA A 135 -4.45 4.58 -21.43
N VAL A 136 -5.38 3.95 -22.13
CA VAL A 136 -6.62 4.62 -22.52
C VAL A 136 -7.78 3.70 -22.19
N SER A 137 -8.80 4.24 -21.53
CA SER A 137 -9.98 3.45 -21.20
C SER A 137 -11.21 4.07 -21.82
N GLN A 138 -11.85 3.35 -22.74
CA GLN A 138 -13.10 3.79 -23.33
C GLN A 138 -14.27 3.04 -22.69
N LEU A 139 -15.01 3.73 -21.82
CA LEU A 139 -16.11 3.10 -21.09
C LEU A 139 -17.40 3.10 -21.92
N TYR A 140 -17.31 2.64 -23.16
CA TYR A 140 -18.49 2.43 -23.99
C TYR A 140 -18.32 1.25 -24.91
N GLN A 141 -19.44 0.57 -25.17
CA GLN A 141 -19.44 -0.76 -25.80
C GLN A 141 -18.80 -0.83 -27.18
N PRO A 142 -19.21 0.05 -28.11
CA PRO A 142 -18.53 -0.11 -29.40
C PRO A 142 -17.24 0.70 -29.39
N GLU A 143 -16.21 0.16 -28.76
CA GLU A 143 -14.93 0.86 -28.72
C GLU A 143 -14.35 0.94 -30.13
N ASN A 144 -13.90 2.14 -30.47
CA ASN A 144 -13.13 2.37 -31.68
C ASN A 144 -11.64 2.28 -31.34
N HIS A 145 -10.90 1.46 -32.07
CA HIS A 145 -9.46 1.40 -31.87
C HIS A 145 -8.84 2.73 -32.29
N LEU A 146 -8.10 3.34 -31.37
CA LEU A 146 -7.56 4.69 -31.57
C LEU A 146 -6.20 4.68 -32.25
N GLY A 147 -5.48 3.58 -32.13
CA GLY A 147 -4.14 3.50 -32.69
C GLY A 147 -3.10 4.28 -31.94
N LEU A 148 -3.23 4.35 -30.62
CA LEU A 148 -2.20 4.98 -29.81
C LEU A 148 -1.19 3.93 -29.30
N HIS A 149 0.02 4.37 -29.01
CA HIS A 149 1.05 3.50 -28.42
C HIS A 149 1.59 4.21 -27.19
N GLN A 150 1.93 3.46 -26.14
CA GLN A 150 2.51 4.04 -24.93
C GLN A 150 3.72 4.89 -25.26
N ALA A 151 3.91 5.97 -24.51
CA ALA A 151 5.04 6.87 -24.75
C ALA A 151 5.21 7.38 -26.21
N GLU A 152 4.12 7.35 -26.99
CA GLU A 152 4.06 8.10 -28.23
C GLU A 152 3.14 9.30 -27.95
N PRO A 153 3.63 10.50 -28.28
CA PRO A 153 2.86 11.74 -28.11
C PRO A 153 1.65 11.76 -29.03
N ALA A 154 0.63 12.52 -28.66
CA ALA A 154 -0.57 12.64 -29.47
C ALA A 154 -1.25 13.98 -29.17
N GLU A 155 -2.31 14.31 -29.91
CA GLU A 155 -3.10 15.48 -29.61
C GLU A 155 -4.56 15.05 -29.53
N ILE A 156 -5.25 15.51 -28.50
CA ILE A 156 -6.68 15.22 -28.36
C ILE A 156 -7.42 16.49 -28.74
N LYS A 157 -8.36 16.38 -29.68
CA LYS A 157 -9.07 17.56 -30.17
C LYS A 157 -10.29 17.81 -29.30
N TYR A 158 -10.71 19.06 -29.18
CA TYR A 158 -11.83 19.39 -28.30
C TYR A 158 -12.74 20.48 -28.88
N ASP A 159 -14.03 20.37 -28.56
CA ASP A 159 -14.96 21.46 -28.75
C ASP A 159 -14.93 22.37 -27.53
N TYR A 160 -14.82 21.78 -26.34
CA TYR A 160 -14.68 22.54 -25.09
C TYR A 160 -13.59 21.93 -24.20
N LEU A 161 -12.72 22.79 -23.67
CA LEU A 161 -11.67 22.33 -22.74
C LEU A 161 -11.93 22.85 -21.34
N ILE A 162 -11.88 21.96 -20.36
CA ILE A 162 -12.07 22.32 -18.95
C ILE A 162 -10.75 22.05 -18.24
N SER A 163 -10.04 23.12 -17.89
CA SER A 163 -8.70 22.97 -17.31
C SER A 163 -8.67 22.97 -15.76
N ALA A 164 -8.31 21.82 -15.20
CA ALA A 164 -8.23 21.66 -13.77
C ALA A 164 -6.99 20.85 -13.38
N VAL A 165 -5.83 21.26 -13.86
CA VAL A 165 -4.62 20.49 -13.58
C VAL A 165 -4.07 20.85 -12.20
N GLY A 166 -4.68 21.81 -11.54
CA GLY A 166 -4.24 22.20 -10.21
C GLY A 166 -2.93 22.99 -10.21
N ALA A 167 -2.12 22.84 -9.17
CA ALA A 167 -0.89 23.62 -9.04
C ALA A 167 0.16 22.73 -8.41
N GLU A 168 1.42 23.18 -8.42
CA GLU A 168 2.47 22.33 -7.85
C GLU A 168 3.17 22.99 -6.66
N PRO A 169 3.79 22.17 -5.79
CA PRO A 169 4.44 22.77 -4.62
C PRO A 169 5.50 23.79 -5.01
N ASN A 170 5.54 24.89 -4.27
CA ASN A 170 6.46 26.00 -4.48
C ASN A 170 7.63 25.94 -3.49
N THR A 171 8.85 26.11 -3.96
CA THR A 171 10.00 26.07 -3.05
C THR A 171 10.51 27.49 -2.76
N PHE A 172 9.98 28.46 -3.51
CA PHE A 172 10.34 29.88 -3.35
C PHE A 172 11.83 30.11 -3.58
N GLY A 173 12.45 29.23 -4.36
CA GLY A 173 13.86 29.38 -4.71
C GLY A 173 14.82 28.99 -3.59
N ILE A 174 14.27 28.63 -2.43
CA ILE A 174 15.09 28.13 -1.33
C ILE A 174 15.85 26.88 -1.79
N PRO A 175 17.18 26.87 -1.61
CA PRO A 175 18.02 25.74 -2.02
C PRO A 175 17.81 24.49 -1.16
N GLY A 176 17.70 23.34 -1.80
CA GLY A 176 17.70 22.08 -1.06
C GLY A 176 16.36 21.50 -0.67
N VAL A 177 15.28 22.28 -0.73
CA VAL A 177 13.99 21.76 -0.30
C VAL A 177 13.52 20.58 -1.16
N THR A 178 13.70 20.69 -2.48
CA THR A 178 13.39 19.58 -3.37
C THR A 178 14.26 18.33 -3.09
N ASP A 179 15.57 18.53 -2.97
CA ASP A 179 16.51 17.42 -2.76
C ASP A 179 16.38 16.78 -1.38
N TYR A 180 16.13 17.59 -0.35
CA TYR A 180 16.28 17.12 1.03
C TYR A 180 14.98 17.03 1.84
N GLY A 181 13.92 17.69 1.36
CA GLY A 181 12.63 17.65 2.03
C GLY A 181 11.61 16.75 1.34
N HIS A 182 10.39 16.71 1.87
CA HIS A 182 9.27 16.01 1.24
C HIS A 182 8.11 16.99 1.12
N PHE A 183 7.49 17.06 -0.05
CA PHE A 183 6.25 17.80 -0.16
C PHE A 183 5.11 16.99 0.49
N LEU A 184 3.97 17.63 0.70
CA LEU A 184 2.78 16.91 1.18
C LEU A 184 1.63 17.23 0.25
N LYS A 185 1.66 16.60 -0.92
CA LYS A 185 0.81 17.00 -2.04
C LYS A 185 0.09 15.79 -2.65
N GLU A 186 0.82 14.69 -2.83
CA GLU A 186 0.26 13.51 -3.50
C GLU A 186 0.53 12.29 -2.65
N ILE A 187 -0.12 11.20 -2.99
CA ILE A 187 0.06 9.94 -2.27
C ILE A 187 1.52 9.49 -2.11
N PRO A 188 2.35 9.54 -3.18
CA PRO A 188 3.73 9.06 -2.90
C PRO A 188 4.48 9.90 -1.87
N ASN A 189 4.10 11.17 -1.68
CA ASN A 189 4.62 11.97 -0.57
C ASN A 189 4.36 11.30 0.79
N SER A 190 3.14 10.83 1.00
CA SER A 190 2.77 10.14 2.22
C SER A 190 3.69 8.95 2.45
N LEU A 191 3.93 8.19 1.39
CA LEU A 191 4.82 7.03 1.47
C LEU A 191 6.29 7.38 1.78
N GLU A 192 6.79 8.45 1.16
CA GLU A 192 8.16 8.89 1.41
C GLU A 192 8.35 9.39 2.85
N ILE A 193 7.42 10.21 3.33
CA ILE A 193 7.45 10.67 4.72
C ILE A 193 7.49 9.50 5.71
N ARG A 194 6.58 8.54 5.56
CA ARG A 194 6.60 7.35 6.42
C ARG A 194 7.93 6.63 6.34
N ARG A 195 8.41 6.37 5.13
CA ARG A 195 9.69 5.67 4.95
C ARG A 195 10.89 6.39 5.61
N THR A 196 11.04 7.69 5.34
CA THR A 196 12.11 8.47 5.97
C THR A 196 12.03 8.45 7.51
N PHE A 197 10.86 8.72 8.05
CA PHE A 197 10.72 8.78 9.50
C PHE A 197 10.90 7.41 10.17
N ALA A 198 10.32 6.37 9.55
CA ALA A 198 10.48 5.01 10.07
C ALA A 198 11.95 4.63 10.08
N ALA A 199 12.64 4.89 8.98
CA ALA A 199 14.06 4.57 8.94
C ALA A 199 14.81 5.33 10.03
N ASN A 200 14.48 6.62 10.20
CA ASN A 200 15.11 7.44 11.21
C ASN A 200 14.93 6.88 12.61
N LEU A 201 13.70 6.44 12.93
CA LEU A 201 13.43 5.85 14.25
C LEU A 201 14.29 4.61 14.50
N GLU A 202 14.56 3.86 13.44
CA GLU A 202 15.30 2.61 13.58
C GLU A 202 16.77 2.88 13.89
N LYS A 203 17.37 3.79 13.11
CA LYS A 203 18.75 4.20 13.34
C LYS A 203 18.89 4.83 14.74
N ALA A 204 17.95 5.72 15.06
CA ALA A 204 17.98 6.45 16.33
C ALA A 204 17.97 5.54 17.55
N ASN A 205 17.23 4.44 17.47
CA ASN A 205 17.08 3.56 18.62
C ASN A 205 18.37 2.76 18.87
N LEU A 206 19.21 2.70 17.85
CA LEU A 206 20.48 2.00 17.98
C LEU A 206 21.54 2.90 18.64
N LEU A 207 21.38 4.21 18.48
CA LEU A 207 22.28 5.18 19.08
C LEU A 207 22.04 5.31 20.60
N PRO A 208 23.09 5.65 21.36
CA PRO A 208 22.87 5.80 22.82
C PRO A 208 22.25 7.15 23.18
N LYS A 209 21.44 7.19 24.23
CA LYS A 209 20.80 8.43 24.69
C LYS A 209 21.83 9.55 24.91
N GLY A 210 21.48 10.78 24.51
CA GLY A 210 22.41 11.87 24.63
C GLY A 210 23.25 12.08 23.37
N ASP A 211 23.21 11.12 22.46
CA ASP A 211 23.87 11.32 21.17
C ASP A 211 23.06 12.37 20.42
N PRO A 212 23.72 13.45 19.95
CA PRO A 212 23.03 14.50 19.19
C PRO A 212 22.54 14.00 17.86
N GLU A 213 23.12 12.91 17.36
CA GLU A 213 22.68 12.31 16.11
C GLU A 213 21.32 11.67 16.33
N ARG A 214 21.19 10.97 17.45
CA ARG A 214 19.92 10.39 17.85
C ARG A 214 18.88 11.50 17.93
N ARG A 215 19.25 12.62 18.54
CA ARG A 215 18.35 13.76 18.67
C ARG A 215 17.96 14.30 17.30
N ARG A 216 18.89 14.31 16.37
CA ARG A 216 18.64 14.80 15.03
C ARG A 216 17.69 13.89 14.27
N LEU A 217 17.94 12.58 14.34
CA LEU A 217 17.12 11.57 13.68
C LEU A 217 15.67 11.59 14.17
N LEU A 218 15.49 11.94 15.44
CA LEU A 218 14.16 11.95 16.03
C LEU A 218 13.53 13.34 15.90
N SER A 219 14.08 14.15 15.02
CA SER A 219 13.66 15.53 14.87
C SER A 219 12.89 15.73 13.55
N ILE A 220 11.70 16.33 13.64
CA ILE A 220 10.88 16.57 12.44
C ILE A 220 10.60 18.06 12.28
N VAL A 221 10.79 18.58 11.08
CA VAL A 221 10.49 19.98 10.80
C VAL A 221 9.38 20.09 9.74
N VAL A 222 8.28 20.73 10.09
CA VAL A 222 7.16 20.92 9.18
C VAL A 222 7.03 22.40 8.83
N VAL A 223 7.29 22.75 7.58
CA VAL A 223 7.24 24.15 7.17
C VAL A 223 5.88 24.48 6.57
N GLY A 224 5.22 25.49 7.13
CA GLY A 224 3.88 25.84 6.71
C GLY A 224 2.92 25.78 7.88
N GLY A 225 2.31 26.92 8.19
CA GLY A 225 1.47 27.06 9.36
C GLY A 225 -0.01 27.12 9.06
N GLY A 226 -0.36 26.87 7.80
CA GLY A 226 -1.74 26.69 7.42
C GLY A 226 -2.24 25.33 7.93
N PRO A 227 -3.50 25.00 7.62
CA PRO A 227 -4.11 23.76 8.12
C PRO A 227 -3.36 22.48 7.73
N THR A 228 -2.73 22.47 6.57
CA THR A 228 -2.01 21.28 6.12
C THR A 228 -0.77 20.96 6.96
N GLY A 229 0.09 21.95 7.19
CA GLY A 229 1.25 21.76 8.06
C GLY A 229 0.78 21.37 9.45
N VAL A 230 -0.14 22.16 10.01
CA VAL A 230 -0.67 21.94 11.33
C VAL A 230 -1.25 20.54 11.52
N GLU A 231 -2.08 20.09 10.59
CA GLU A 231 -2.63 18.73 10.70
C GLU A 231 -1.51 17.69 10.57
N ALA A 232 -0.52 17.97 9.73
CA ALA A 232 0.56 17.01 9.51
C ALA A 232 1.37 16.84 10.80
N ALA A 233 1.60 17.95 11.48
CA ALA A 233 2.37 17.94 12.71
C ALA A 233 1.54 17.29 13.82
N GLY A 234 0.25 17.58 13.83
CA GLY A 234 -0.67 17.03 14.81
C GLY A 234 -0.81 15.52 14.69
N GLU A 235 -1.00 15.04 13.45
CA GLU A 235 -1.07 13.61 13.18
C GLU A 235 0.22 12.88 13.57
N LEU A 236 1.36 13.45 13.18
CA LEU A 236 2.65 12.86 13.59
C LEU A 236 2.78 12.79 15.11
N GLN A 237 2.54 13.91 15.80
CA GLN A 237 2.60 13.94 17.24
C GLN A 237 1.67 12.91 17.86
N ASP A 238 0.48 12.76 17.29
CA ASP A 238 -0.45 11.72 17.71
C ASP A 238 0.16 10.33 17.58
N TYR A 239 0.81 10.07 16.45
CA TYR A 239 1.38 8.76 16.23
C TYR A 239 2.42 8.47 17.30
N VAL A 240 3.26 9.46 17.55
CA VAL A 240 4.34 9.32 18.50
C VAL A 240 3.81 9.11 19.92
N HIS A 241 2.83 9.93 20.31
CA HIS A 241 2.31 9.88 21.66
C HIS A 241 1.43 8.66 21.94
N GLN A 242 0.59 8.26 20.97
CA GLN A 242 -0.39 7.18 21.19
C GLN A 242 0.10 5.78 20.84
N ASP A 243 1.02 5.68 19.89
CA ASP A 243 1.40 4.36 19.36
C ASP A 243 2.86 4.03 19.62
N LEU A 244 3.77 4.83 19.09
CA LEU A 244 5.20 4.64 19.32
C LEU A 244 5.55 4.52 20.80
N ARG A 245 4.97 5.41 21.62
CA ARG A 245 5.20 5.44 23.06
C ARG A 245 4.88 4.10 23.72
N LYS A 246 3.92 3.38 23.16
CA LYS A 246 3.50 2.10 23.73
C LYS A 246 4.57 1.00 23.66
N PHE A 247 5.55 1.15 22.77
CA PHE A 247 6.60 0.13 22.73
C PHE A 247 8.04 0.67 22.75
N LEU A 248 8.19 1.95 22.46
CA LEU A 248 9.50 2.60 22.55
C LEU A 248 9.36 3.96 23.27
N PRO A 249 8.95 3.94 24.54
CA PRO A 249 8.60 5.20 25.22
C PRO A 249 9.74 6.20 25.30
N ALA A 250 10.95 5.71 25.50
CA ALA A 250 12.12 6.58 25.60
C ALA A 250 12.33 7.34 24.30
N LEU A 251 12.21 6.61 23.20
CA LEU A 251 12.35 7.16 21.86
C LEU A 251 11.23 8.15 21.57
N ALA A 252 10.01 7.79 21.97
CA ALA A 252 8.86 8.69 21.81
C ALA A 252 9.05 10.01 22.53
N GLU A 253 9.64 9.98 23.72
CA GLU A 253 9.82 11.20 24.51
C GLU A 253 10.82 12.18 23.89
N GLU A 254 11.76 11.65 23.12
CA GLU A 254 12.81 12.48 22.54
C GLU A 254 12.47 13.09 21.18
N VAL A 255 11.44 12.60 20.51
CA VAL A 255 11.11 13.19 19.21
C VAL A 255 10.71 14.63 19.43
N GLN A 256 11.09 15.49 18.49
CA GLN A 256 10.76 16.89 18.58
C GLN A 256 10.22 17.31 17.23
N ILE A 257 8.94 17.67 17.21
CA ILE A 257 8.32 18.18 15.99
C ILE A 257 8.34 19.72 16.01
N HIS A 258 8.88 20.33 14.95
CA HIS A 258 8.89 21.78 14.81
C HIS A 258 7.87 22.20 13.75
N LEU A 259 7.17 23.30 14.01
CA LEU A 259 6.28 23.89 13.02
C LEU A 259 6.81 25.29 12.70
N VAL A 260 7.14 25.54 11.45
CA VAL A 260 7.78 26.79 11.07
C VAL A 260 6.87 27.62 10.15
N GLU A 261 6.51 28.81 10.61
CA GLU A 261 5.57 29.67 9.90
C GLU A 261 6.13 31.08 9.76
N ALA A 262 6.09 31.64 8.54
CA ALA A 262 6.66 32.95 8.25
C ALA A 262 5.83 34.11 8.78
N LEU A 263 4.53 33.88 8.95
CA LEU A 263 3.63 34.88 9.51
C LEU A 263 3.72 34.95 11.04
N PRO A 264 3.15 36.00 11.63
CA PRO A 264 3.14 36.14 13.10
C PRO A 264 2.22 35.17 13.82
N ILE A 265 1.27 34.59 13.10
CA ILE A 265 0.33 33.62 13.66
C ILE A 265 0.18 32.40 12.75
N VAL A 266 -0.35 31.30 13.29
CA VAL A 266 -0.68 30.13 12.48
C VAL A 266 -2.16 30.18 12.17
N LEU A 267 -2.59 29.45 11.14
CA LEU A 267 -4.02 29.37 10.80
C LEU A 267 -4.66 30.75 10.65
N ASN A 268 -3.99 31.63 9.91
CA ASN A 268 -4.39 33.03 9.83
C ASN A 268 -5.70 33.29 9.09
N MET A 269 -6.33 32.23 8.59
CA MET A 269 -7.66 32.38 7.98
C MET A 269 -8.78 32.25 9.01
N PHE A 270 -8.41 31.88 10.23
CA PHE A 270 -9.38 31.80 11.33
C PHE A 270 -9.36 33.07 12.19
N GLU A 271 -10.40 33.22 13.01
CA GLU A 271 -10.38 34.21 14.10
C GLU A 271 -9.07 34.11 14.87
N LYS A 272 -8.47 35.26 15.15
CA LYS A 272 -7.17 35.34 15.81
C LYS A 272 -7.11 34.55 17.13
N LYS A 273 -8.25 34.43 17.81
CA LYS A 273 -8.27 33.74 19.09
C LYS A 273 -8.30 32.21 18.93
N LEU A 274 -8.90 31.75 17.84
CA LEU A 274 -8.83 30.33 17.48
C LEU A 274 -7.40 29.95 17.09
N SER A 275 -6.73 30.83 16.33
CA SER A 275 -5.29 30.69 16.08
C SER A 275 -4.50 30.54 17.38
N SER A 276 -4.78 31.41 18.36
CA SER A 276 -4.09 31.35 19.66
C SER A 276 -4.40 30.08 20.43
N TYR A 277 -5.66 29.66 20.41
CA TYR A 277 -6.05 28.37 20.99
C TYR A 277 -5.22 27.26 20.34
N ALA A 278 -5.18 27.26 19.00
CA ALA A 278 -4.46 26.25 18.22
C ALA A 278 -2.99 26.14 18.58
N GLN A 279 -2.29 27.27 18.58
CA GLN A 279 -0.86 27.31 18.90
C GLN A 279 -0.58 26.77 20.30
N SER A 280 -1.45 27.12 21.24
CA SER A 280 -1.30 26.69 22.62
C SER A 280 -1.45 25.19 22.73
N HIS A 281 -2.49 24.66 22.09
CA HIS A 281 -2.69 23.21 22.12
C HIS A 281 -1.48 22.51 21.50
N LEU A 282 -1.05 22.99 20.34
CA LEU A 282 0.09 22.43 19.65
C LEU A 282 1.30 22.43 20.59
N GLU A 283 1.54 23.57 21.22
CA GLU A 283 2.66 23.70 22.15
C GLU A 283 2.49 22.78 23.37
N ASN A 284 1.24 22.60 23.79
CA ASN A 284 0.98 21.66 24.90
C ASN A 284 1.26 20.21 24.53
N THR A 285 1.14 19.86 23.25
CA THR A 285 1.36 18.47 22.84
C THR A 285 2.86 18.21 22.66
N SER A 286 3.65 19.28 22.82
CA SER A 286 5.12 19.31 22.78
C SER A 286 5.71 19.78 21.46
N ILE A 287 4.84 20.19 20.54
CA ILE A 287 5.28 20.73 19.26
C ILE A 287 5.87 22.12 19.50
N LYS A 288 7.05 22.39 18.93
CA LYS A 288 7.67 23.69 19.06
C LYS A 288 7.28 24.54 17.86
N VAL A 289 6.68 25.70 18.11
CA VAL A 289 6.20 26.57 17.05
C VAL A 289 7.08 27.80 16.85
N HIS A 290 7.67 27.94 15.66
CA HIS A 290 8.50 29.11 15.31
C HIS A 290 7.75 30.09 14.42
N LEU A 291 7.31 31.21 14.97
CA LEU A 291 6.60 32.21 14.16
C LEU A 291 7.57 33.25 13.61
N ARG A 292 7.11 34.00 12.60
CA ARG A 292 7.93 35.02 11.93
C ARG A 292 9.26 34.42 11.42
N THR A 293 9.25 33.11 11.20
CA THR A 293 10.45 32.37 10.84
C THR A 293 10.29 31.86 9.42
N ALA A 294 11.35 31.97 8.62
CA ALA A 294 11.34 31.48 7.25
C ALA A 294 12.59 30.66 7.04
N VAL A 295 12.52 29.67 6.15
CA VAL A 295 13.69 28.84 5.90
C VAL A 295 14.55 29.44 4.79
N ALA A 296 15.83 29.67 5.09
CA ALA A 296 16.68 30.37 4.13
C ALA A 296 17.38 29.38 3.21
N LYS A 297 17.87 28.28 3.77
CA LYS A 297 18.43 27.21 2.96
C LYS A 297 18.31 25.86 3.65
N VAL A 298 18.15 24.81 2.85
CA VAL A 298 18.05 23.46 3.38
C VAL A 298 19.21 22.61 2.94
N GLU A 299 19.93 22.04 3.91
CA GLU A 299 20.99 21.09 3.61
C GLU A 299 20.54 19.70 4.03
N GLU A 300 21.36 18.70 3.76
CA GLU A 300 20.96 17.32 3.95
C GLU A 300 20.50 17.01 5.39
N LYS A 301 21.20 17.56 6.38
CA LYS A 301 20.96 17.19 7.77
C LYS A 301 20.60 18.37 8.68
N GLN A 302 20.62 19.57 8.13
CA GLN A 302 20.26 20.75 8.88
C GLN A 302 19.71 21.77 7.90
N LEU A 303 18.92 22.71 8.41
CA LEU A 303 18.45 23.84 7.59
C LEU A 303 18.67 25.15 8.33
N LEU A 304 18.70 26.25 7.59
CA LEU A 304 18.92 27.55 8.19
C LEU A 304 17.63 28.35 8.29
N ALA A 305 17.23 28.67 9.52
CA ALA A 305 16.01 29.43 9.78
C ALA A 305 16.33 30.86 10.20
N LYS A 306 15.53 31.82 9.73
CA LYS A 306 15.69 33.21 10.10
C LYS A 306 14.39 33.78 10.65
N THR A 307 14.46 34.32 11.85
CA THR A 307 13.30 34.94 12.47
C THR A 307 13.35 36.45 12.37
N LYS A 308 12.28 37.05 11.85
CA LYS A 308 12.16 38.49 11.73
C LYS A 308 11.27 38.99 12.85
N HIS A 309 11.87 39.34 14.00
CA HIS A 309 11.14 39.76 15.20
C HIS A 309 10.37 41.07 15.00
N GLU A 310 9.42 41.34 15.89
CA GLU A 310 8.52 42.49 15.72
C GLU A 310 9.24 43.85 15.77
N ASP A 311 10.21 43.99 16.67
CA ASP A 311 11.08 45.16 16.68
C ASP A 311 11.69 45.41 15.29
N GLY A 312 12.43 44.42 14.79
CA GLY A 312 12.97 44.50 13.45
C GLY A 312 14.26 43.69 13.35
N LYS A 313 14.74 43.26 14.50
CA LYS A 313 15.95 42.45 14.58
C LYS A 313 15.74 41.09 13.93
N ILE A 314 16.80 40.57 13.31
CA ILE A 314 16.73 39.27 12.64
C ILE A 314 17.76 38.31 13.20
N THR A 315 17.28 37.16 13.68
CA THR A 315 18.18 36.12 14.20
C THR A 315 18.22 34.94 13.25
N GLU A 316 19.28 34.16 13.35
CA GLU A 316 19.44 32.97 12.53
C GLU A 316 19.56 31.77 13.45
N GLU A 317 18.92 30.68 13.07
CA GLU A 317 19.11 29.44 13.78
C GLU A 317 19.40 28.31 12.81
N THR A 318 20.37 27.47 13.15
CA THR A 318 20.64 26.27 12.41
C THR A 318 19.93 25.14 13.13
N ILE A 319 19.04 24.46 12.41
CA ILE A 319 18.25 23.40 13.01
C ILE A 319 18.54 22.05 12.38
N PRO A 320 19.18 21.15 13.15
CA PRO A 320 19.39 19.77 12.70
C PRO A 320 18.01 19.12 12.53
N TYR A 321 17.83 18.32 11.48
CA TYR A 321 16.55 17.64 11.27
C TYR A 321 16.75 16.24 10.71
N GLY A 322 15.85 15.34 11.08
CA GLY A 322 15.81 14.00 10.53
C GLY A 322 14.85 13.90 9.36
N THR A 323 13.75 14.65 9.44
CA THR A 323 12.68 14.62 8.45
C THR A 323 12.12 16.02 8.23
N LEU A 324 12.02 16.43 6.96
CA LEU A 324 11.53 17.75 6.60
C LEU A 324 10.34 17.66 5.66
N ILE A 325 9.22 18.22 6.10
CA ILE A 325 7.98 18.22 5.35
C ILE A 325 7.62 19.62 4.94
N TRP A 326 7.54 19.85 3.64
CA TRP A 326 7.38 21.18 3.08
C TRP A 326 5.94 21.41 2.60
N ALA A 327 5.17 22.15 3.40
CA ALA A 327 3.73 22.30 3.18
C ALA A 327 3.31 23.76 3.03
N THR A 328 3.94 24.49 2.13
CA THR A 328 3.77 25.94 2.08
C THR A 328 3.17 26.51 0.81
N GLY A 329 2.30 25.78 0.15
CA GLY A 329 1.59 26.41 -0.94
C GLY A 329 2.25 26.27 -2.30
N ASN A 330 1.53 26.75 -3.32
CA ASN A 330 1.73 26.25 -4.67
C ASN A 330 2.02 27.32 -5.71
N LYS A 331 2.32 26.88 -6.92
CA LYS A 331 2.56 27.78 -8.04
C LYS A 331 2.07 27.09 -9.31
N ALA A 332 1.80 27.89 -10.33
CA ALA A 332 1.31 27.39 -11.61
C ALA A 332 2.24 26.33 -12.24
N ARG A 333 1.64 25.33 -12.87
CA ARG A 333 2.38 24.29 -13.59
C ARG A 333 2.88 24.80 -14.95
N PRO A 334 3.92 24.14 -15.51
CA PRO A 334 4.52 24.53 -16.80
C PRO A 334 3.54 24.54 -17.97
N VAL A 335 2.65 23.56 -18.04
CA VAL A 335 1.66 23.57 -19.13
C VAL A 335 0.78 24.81 -19.05
N ILE A 336 0.61 25.34 -17.84
CA ILE A 336 -0.22 26.51 -17.64
C ILE A 336 0.58 27.77 -17.92
N THR A 337 1.83 27.81 -17.47
CA THR A 337 2.66 28.99 -17.72
C THR A 337 3.00 29.12 -19.21
N ASP A 338 3.17 27.99 -19.90
CA ASP A 338 3.35 28.01 -21.36
C ASP A 338 2.11 28.60 -22.05
N LEU A 339 0.91 28.24 -21.56
CA LEU A 339 -0.33 28.79 -22.12
C LEU A 339 -0.44 30.31 -21.97
N PHE A 340 0.07 30.83 -20.84
CA PHE A 340 0.16 32.27 -20.60
C PHE A 340 0.79 33.00 -21.79
N LYS A 341 1.87 32.44 -22.33
CA LYS A 341 2.65 33.08 -23.40
C LYS A 341 1.91 33.04 -24.73
N LYS A 342 1.03 32.04 -24.89
CA LYS A 342 0.34 31.80 -26.17
C LYS A 342 -0.95 32.58 -26.28
N ILE A 343 -1.45 33.10 -25.17
CA ILE A 343 -2.66 33.90 -25.23
C ILE A 343 -2.39 35.33 -24.78
N PRO A 344 -2.57 36.29 -25.70
CA PRO A 344 -2.25 37.71 -25.44
C PRO A 344 -2.88 38.21 -24.14
N GLU A 345 -4.19 38.02 -23.99
CA GLU A 345 -4.95 38.45 -22.81
C GLU A 345 -4.52 37.74 -21.52
N GLN A 346 -3.47 36.92 -21.60
CA GLN A 346 -3.08 36.02 -20.54
C GLN A 346 -1.60 36.19 -20.20
N ASN A 347 -0.89 36.96 -21.01
CA ASN A 347 0.57 37.17 -20.84
C ASN A 347 0.98 37.64 -19.45
N SER A 348 0.18 38.56 -18.90
CA SER A 348 0.45 39.14 -17.58
C SER A 348 0.06 38.25 -16.38
N SER A 349 -0.46 37.05 -16.63
CA SER A 349 -0.83 36.12 -15.56
C SER A 349 0.38 35.58 -14.84
N LYS A 350 0.25 35.36 -13.53
CA LYS A 350 1.37 34.82 -12.76
C LYS A 350 0.99 33.63 -11.89
N ARG A 351 -0.10 33.77 -11.13
CA ARG A 351 -0.51 32.71 -10.21
C ARG A 351 -1.41 31.66 -10.86
N GLY A 352 -2.15 32.05 -11.90
CA GLY A 352 -3.01 31.13 -12.63
C GLY A 352 -3.71 31.79 -13.80
N LEU A 353 -4.44 30.99 -14.57
CA LEU A 353 -5.20 31.53 -15.70
C LEU A 353 -6.23 32.55 -15.23
N ALA A 354 -6.28 33.71 -15.88
CA ALA A 354 -7.30 34.72 -15.61
C ALA A 354 -8.58 34.36 -16.35
N VAL A 355 -9.68 34.27 -15.60
CA VAL A 355 -10.98 33.90 -16.15
C VAL A 355 -11.99 35.03 -15.96
N ASN A 356 -13.07 35.02 -16.74
CA ASN A 356 -14.12 36.02 -16.58
C ASN A 356 -15.21 35.51 -15.64
N ASP A 357 -16.32 36.25 -15.52
CA ASP A 357 -17.38 35.87 -14.58
C ASP A 357 -17.97 34.49 -14.83
N PHE A 358 -17.74 33.95 -16.04
CA PHE A 358 -18.33 32.68 -16.41
C PHE A 358 -17.30 31.54 -16.41
N LEU A 359 -16.11 31.87 -15.93
CA LEU A 359 -14.96 30.96 -15.83
C LEU A 359 -14.33 30.57 -17.17
N GLN A 360 -14.60 31.37 -18.21
CA GLN A 360 -13.89 31.31 -19.50
C GLN A 360 -12.50 31.87 -19.31
N VAL A 361 -11.49 31.14 -19.79
CA VAL A 361 -10.15 31.69 -19.88
C VAL A 361 -10.19 32.91 -20.81
N LYS A 362 -9.60 34.01 -20.37
CA LYS A 362 -9.70 35.26 -21.12
C LYS A 362 -8.85 35.18 -22.37
N GLY A 363 -9.40 35.65 -23.49
CA GLY A 363 -8.68 35.59 -24.75
C GLY A 363 -8.94 34.26 -25.42
N SER A 364 -9.94 33.56 -24.90
CA SER A 364 -10.33 32.25 -25.41
C SER A 364 -11.85 32.14 -25.44
N ASN A 365 -12.37 31.51 -26.49
CA ASN A 365 -13.81 31.30 -26.62
C ASN A 365 -14.22 29.97 -26.00
N ASN A 366 -13.21 29.12 -25.82
CA ASN A 366 -13.34 27.67 -25.89
C ASN A 366 -12.94 26.96 -24.60
N ILE A 367 -12.09 27.63 -23.83
CA ILE A 367 -11.41 27.02 -22.72
C ILE A 367 -11.92 27.59 -21.40
N PHE A 368 -12.21 26.69 -20.47
CA PHE A 368 -12.60 27.09 -19.13
C PHE A 368 -11.54 26.60 -18.18
N ALA A 369 -11.42 27.28 -17.04
CA ALA A 369 -10.42 26.95 -16.04
C ALA A 369 -11.07 27.05 -14.65
N ILE A 370 -10.95 26.00 -13.86
CA ILE A 370 -11.51 25.99 -12.51
C ILE A 370 -10.47 25.37 -11.59
N GLY A 371 -10.60 25.62 -10.29
CA GLY A 371 -9.63 25.09 -9.34
C GLY A 371 -8.38 25.95 -9.30
N ASP A 372 -7.31 25.39 -8.77
CA ASP A 372 -6.09 26.16 -8.54
C ASP A 372 -5.26 26.55 -9.79
N ASN A 373 -5.59 26.03 -10.97
CA ASN A 373 -4.93 26.54 -12.18
C ASN A 373 -5.55 27.86 -12.65
N ALA A 374 -6.70 28.23 -12.10
CA ALA A 374 -7.32 29.53 -12.38
C ALA A 374 -7.04 30.46 -11.23
N PHE A 375 -6.89 31.74 -11.53
CA PHE A 375 -6.78 32.71 -10.47
C PHE A 375 -7.77 33.86 -10.63
N ALA A 376 -8.68 33.98 -9.66
CA ALA A 376 -9.70 35.02 -9.67
C ALA A 376 -9.82 35.67 -8.28
N GLY A 377 -8.72 35.66 -7.51
CA GLY A 377 -8.69 36.31 -6.22
C GLY A 377 -9.25 35.49 -5.06
N LEU A 378 -9.94 34.41 -5.38
CA LEU A 378 -10.48 33.51 -4.37
C LEU A 378 -9.38 32.66 -3.75
N PRO A 379 -9.64 32.05 -2.58
CA PRO A 379 -8.62 31.19 -1.98
C PRO A 379 -8.42 29.88 -2.77
N PRO A 380 -7.20 29.31 -2.70
CA PRO A 380 -6.94 28.08 -3.44
C PRO A 380 -7.32 26.86 -2.58
N THR A 381 -8.61 26.51 -2.60
CA THR A 381 -9.12 25.40 -1.81
C THR A 381 -10.02 24.46 -2.61
N ALA A 382 -10.27 23.28 -2.04
CA ALA A 382 -11.20 22.34 -2.64
C ALA A 382 -12.61 22.92 -2.64
N GLN A 383 -12.93 23.66 -1.58
CA GLN A 383 -14.25 24.26 -1.42
C GLN A 383 -14.55 25.15 -2.62
N VAL A 384 -13.61 26.02 -2.98
CA VAL A 384 -13.74 26.81 -4.20
C VAL A 384 -13.83 25.96 -5.47
N ALA A 385 -12.89 25.05 -5.65
CA ALA A 385 -12.84 24.20 -6.85
C ALA A 385 -14.14 23.45 -7.02
N HIS A 386 -14.66 22.92 -5.92
CA HIS A 386 -15.89 22.15 -5.99
C HIS A 386 -17.10 23.02 -6.40
N GLN A 387 -17.19 24.25 -5.88
CA GLN A 387 -18.30 25.12 -6.28
C GLN A 387 -18.15 25.59 -7.73
N GLU A 388 -16.93 25.90 -8.14
CA GLU A 388 -16.67 26.28 -9.53
C GLU A 388 -17.15 25.16 -10.46
N ALA A 389 -16.79 23.93 -10.12
CA ALA A 389 -17.09 22.77 -10.95
C ALA A 389 -18.59 22.57 -11.08
N GLU A 390 -19.27 22.60 -9.95
CA GLU A 390 -20.72 22.41 -9.94
C GLU A 390 -21.40 23.50 -10.78
N TYR A 391 -20.96 24.74 -10.61
CA TYR A 391 -21.52 25.86 -11.33
C TYR A 391 -21.29 25.71 -12.84
N LEU A 392 -20.08 25.32 -13.22
CA LEU A 392 -19.75 25.22 -14.64
C LEU A 392 -20.56 24.11 -15.31
N ALA A 393 -20.74 22.98 -14.62
CA ALA A 393 -21.46 21.86 -15.22
C ALA A 393 -22.92 22.23 -15.44
N LYS A 394 -23.46 23.00 -14.50
CA LYS A 394 -24.82 23.53 -14.60
C LYS A 394 -24.93 24.48 -15.81
N ASN A 395 -23.95 25.35 -16.00
CA ASN A 395 -23.90 26.18 -17.19
C ASN A 395 -23.86 25.35 -18.49
N PHE A 396 -23.19 24.20 -18.46
CA PHE A 396 -23.19 23.31 -19.62
C PHE A 396 -24.57 22.68 -19.84
N ASP A 397 -25.29 22.45 -18.76
CA ASP A 397 -26.71 22.08 -18.87
C ASP A 397 -27.51 23.14 -19.65
N LYS A 398 -27.24 24.42 -19.40
CA LYS A 398 -27.97 25.50 -20.07
C LYS A 398 -27.51 25.76 -21.49
N MET A 399 -26.20 25.69 -21.73
CA MET A 399 -25.68 25.84 -23.09
C MET A 399 -26.24 24.77 -24.02
N ALA A 400 -26.62 23.62 -23.47
CA ALA A 400 -27.12 22.50 -24.30
C ALA A 400 -28.57 22.68 -24.73
N GLN A 401 -29.24 23.68 -24.15
CA GLN A 401 -30.62 24.00 -24.49
C GLN A 401 -30.69 25.23 -25.41
N ILE A 402 -29.54 25.78 -25.74
CA ILE A 402 -29.42 26.99 -26.55
C ILE A 402 -28.53 26.71 -27.77
N PRO A 403 -29.16 26.44 -28.93
CA PRO A 403 -28.51 25.86 -30.12
C PRO A 403 -27.42 26.75 -30.71
N ASN A 404 -27.48 28.04 -30.39
CA ASN A 404 -26.47 29.00 -30.86
C ASN A 404 -25.07 28.78 -30.24
N PHE A 405 -25.01 27.99 -29.18
CA PHE A 405 -23.72 27.71 -28.53
C PHE A 405 -22.83 26.78 -29.34
N GLN A 406 -23.41 25.72 -29.88
CA GLN A 406 -22.69 24.81 -30.79
C GLN A 406 -22.69 25.33 -32.25
N ASP A 414 -16.17 33.96 -32.55
CA ASP A 414 -15.95 33.93 -31.08
C ASP A 414 -16.98 34.78 -30.33
N LYS A 415 -18.19 34.23 -30.20
CA LYS A 415 -19.30 34.96 -29.59
C LYS A 415 -19.76 34.41 -28.23
N ILE A 416 -19.07 33.40 -27.71
CA ILE A 416 -19.50 32.69 -26.48
C ILE A 416 -19.59 33.56 -25.21
N ASP A 417 -18.66 34.50 -25.00
CA ASP A 417 -18.77 35.45 -23.88
C ASP A 417 -20.03 36.33 -23.99
N LEU A 418 -20.35 36.77 -25.19
CA LEU A 418 -21.55 37.56 -25.45
C LEU A 418 -22.80 36.70 -25.26
N LEU A 419 -22.73 35.44 -25.70
CA LEU A 419 -23.85 34.50 -25.59
C LEU A 419 -24.26 34.29 -24.14
N PHE A 420 -23.27 34.30 -23.25
CA PHE A 420 -23.49 34.14 -21.82
C PHE A 420 -24.30 35.30 -21.26
N GLU A 421 -23.90 36.53 -21.58
CA GLU A 421 -24.65 37.70 -21.16
C GLU A 421 -26.00 37.83 -21.88
N GLU A 422 -25.99 37.61 -23.19
CA GLU A 422 -27.19 37.70 -24.02
C GLU A 422 -28.29 36.76 -23.49
N ASN A 423 -27.88 35.61 -22.98
CA ASN A 423 -28.83 34.65 -22.40
C ASN A 423 -28.96 34.80 -20.89
N ASN A 424 -28.33 35.84 -20.34
CA ASN A 424 -28.39 36.17 -18.91
C ASN A 424 -28.04 35.01 -17.94
N PHE A 425 -26.93 34.32 -18.24
CA PHE A 425 -26.30 33.42 -17.30
C PHE A 425 -25.84 34.26 -16.12
N LYS A 426 -25.93 33.70 -14.92
CA LYS A 426 -25.45 34.39 -13.75
C LYS A 426 -23.94 34.14 -13.61
N PRO A 427 -23.20 35.17 -13.23
CA PRO A 427 -21.78 35.03 -12.90
C PRO A 427 -21.59 34.02 -11.76
N PHE A 428 -20.41 33.42 -11.70
CA PHE A 428 -20.14 32.49 -10.63
C PHE A 428 -20.01 33.27 -9.33
N LYS A 429 -20.61 32.78 -8.26
CA LYS A 429 -20.58 33.50 -6.99
C LYS A 429 -20.15 32.58 -5.84
N TYR A 430 -18.94 32.77 -5.37
CA TYR A 430 -18.40 31.92 -4.32
C TYR A 430 -19.09 32.16 -2.97
N ASN A 431 -19.66 31.08 -2.41
CA ASN A 431 -20.15 31.07 -1.03
C ASN A 431 -19.14 30.43 -0.06
N ASP A 432 -18.31 31.26 0.56
CA ASP A 432 -17.41 30.85 1.65
C ASP A 432 -18.19 30.15 2.79
N LEU A 433 -17.90 28.87 2.98
CA LEU A 433 -18.64 28.02 3.90
C LEU A 433 -17.85 27.78 5.19
N GLY A 434 -16.62 28.28 5.24
CA GLY A 434 -15.83 28.19 6.46
C GLY A 434 -14.58 27.35 6.36
N ALA A 435 -14.17 26.75 7.48
CA ALA A 435 -12.86 26.13 7.55
C ALA A 435 -12.72 25.26 8.79
N LEU A 436 -11.92 24.20 8.68
CA LEU A 436 -11.60 23.32 9.81
C LEU A 436 -10.11 23.03 9.90
N ALA A 437 -9.64 22.74 11.10
CA ALA A 437 -8.27 22.32 11.31
C ALA A 437 -8.17 21.36 12.51
N TYR A 438 -7.66 20.16 12.28
CA TYR A 438 -7.41 19.21 13.36
C TYR A 438 -6.03 19.50 13.95
N LEU A 439 -5.88 19.32 15.27
CA LEU A 439 -4.73 19.87 15.96
C LEU A 439 -3.95 18.81 16.70
N GLY A 440 -4.33 17.55 16.50
CA GLY A 440 -3.74 16.46 17.25
C GLY A 440 -4.45 16.29 18.60
N SER A 441 -4.26 15.12 19.23
CA SER A 441 -4.82 14.85 20.56
C SER A 441 -6.30 15.20 20.69
N GLU A 442 -7.08 14.92 19.64
CA GLU A 442 -8.53 15.01 19.69
C GLU A 442 -9.04 16.44 19.95
N ARG A 443 -8.35 17.44 19.42
CA ARG A 443 -8.87 18.82 19.42
C ARG A 443 -8.81 19.40 18.01
N ALA A 444 -9.83 20.17 17.68
CA ALA A 444 -9.94 20.82 16.39
C ALA A 444 -10.47 22.24 16.60
N ILE A 445 -10.29 23.08 15.58
CA ILE A 445 -11.01 24.35 15.53
C ILE A 445 -11.85 24.33 14.26
N ALA A 446 -12.92 25.11 14.23
CA ALA A 446 -13.85 25.09 13.11
C ALA A 446 -14.69 26.35 13.11
N THR A 447 -14.95 26.88 11.93
CA THR A 447 -15.94 27.94 11.76
C THR A 447 -16.77 27.58 10.55
N ILE A 448 -18.05 27.27 10.78
CA ILE A 448 -18.97 26.92 9.71
C ILE A 448 -19.90 28.11 9.43
N ARG A 449 -20.04 28.50 8.16
CA ARG A 449 -20.88 29.63 7.82
C ARG A 449 -21.55 29.54 6.45
N SER A 450 -22.32 30.58 6.12
CA SER A 450 -22.93 30.76 4.81
C SER A 450 -23.50 32.17 4.76
N GLY A 451 -23.09 32.95 3.76
CA GLY A 451 -23.45 34.35 3.74
C GLY A 451 -22.71 35.07 4.84
N LYS A 452 -23.41 35.89 5.61
CA LYS A 452 -22.83 36.52 6.78
C LYS A 452 -23.22 35.76 8.05
N ARG A 453 -23.92 34.64 7.86
CA ARG A 453 -24.42 33.85 8.97
C ARG A 453 -23.40 32.83 9.48
N THR A 454 -23.04 32.93 10.75
CA THR A 454 -22.12 31.99 11.36
C THR A 454 -22.88 30.93 12.16
N PHE A 455 -22.72 29.66 11.79
CA PHE A 455 -23.45 28.56 12.44
C PHE A 455 -22.67 27.84 13.53
N TYR A 456 -21.35 27.98 13.50
CA TYR A 456 -20.49 27.29 14.43
C TYR A 456 -19.16 28.02 14.42
N THR A 457 -18.56 28.20 15.58
CA THR A 457 -17.22 28.78 15.63
C THR A 457 -16.62 28.60 17.03
N GLY A 458 -15.64 27.71 17.11
CA GLY A 458 -15.04 27.36 18.38
C GLY A 458 -14.00 26.27 18.23
N GLY A 459 -13.55 25.74 19.35
CA GLY A 459 -12.51 24.71 19.38
C GLY A 459 -12.76 23.74 20.51
N GLY A 460 -11.97 22.68 20.59
CA GLY A 460 -12.15 21.67 21.62
C GLY A 460 -12.38 20.23 21.18
N LEU A 461 -12.80 19.40 22.14
CA LEU A 461 -13.04 17.98 21.92
C LEU A 461 -14.19 17.72 20.95
N MET A 462 -15.31 18.39 21.17
CA MET A 462 -16.51 18.17 20.37
C MET A 462 -16.33 18.70 18.94
N THR A 463 -15.50 19.73 18.78
CA THR A 463 -15.16 20.26 17.47
C THR A 463 -14.39 19.19 16.64
N PHE A 464 -13.65 18.34 17.34
CA PHE A 464 -12.93 17.25 16.70
C PHE A 464 -13.89 16.21 16.12
N TYR A 465 -14.94 15.87 16.87
CA TYR A 465 -15.97 14.96 16.37
C TYR A 465 -16.65 15.57 15.16
N LEU A 466 -16.78 16.89 15.17
CA LEU A 466 -17.39 17.57 14.04
C LEU A 466 -16.48 17.47 12.81
N TRP A 467 -15.20 17.73 13.01
CA TRP A 467 -14.18 17.58 11.99
C TRP A 467 -14.33 16.23 11.27
N ARG A 468 -14.49 15.15 12.06
CA ARG A 468 -14.66 13.81 11.52
C ARG A 468 -15.94 13.60 10.72
N ILE A 469 -17.08 13.97 11.30
CA ILE A 469 -18.37 13.78 10.64
C ILE A 469 -18.45 14.57 9.33
N LEU A 470 -17.96 15.81 9.36
CA LEU A 470 -18.01 16.71 8.22
C LEU A 470 -17.11 16.22 7.08
N TYR A 471 -15.85 15.89 7.40
CA TYR A 471 -14.92 15.37 6.38
C TYR A 471 -15.45 14.08 5.76
N LEU A 472 -15.97 13.18 6.59
CA LEU A 472 -16.62 11.97 6.10
C LEU A 472 -17.73 12.31 5.12
N SER A 473 -18.51 13.34 5.44
CA SER A 473 -19.60 13.81 4.57
C SER A 473 -19.11 14.34 3.23
N MET A 474 -17.96 14.98 3.22
CA MET A 474 -17.46 15.62 1.99
C MET A 474 -16.73 14.69 1.01
N ILE A 475 -16.55 13.41 1.37
CA ILE A 475 -15.89 12.46 0.49
C ILE A 475 -16.81 12.13 -0.70
N LEU A 476 -16.23 12.02 -1.91
CA LEU A 476 -17.04 11.96 -3.13
C LEU A 476 -17.57 10.58 -3.51
N SER A 477 -17.16 9.55 -2.80
CA SER A 477 -17.55 8.21 -3.20
C SER A 477 -17.88 7.34 -1.99
N ALA A 478 -18.96 6.58 -2.10
CA ALA A 478 -19.39 5.69 -1.03
C ALA A 478 -18.27 4.76 -0.54
N ARG A 479 -17.51 4.21 -1.49
CA ARG A 479 -16.42 3.29 -1.18
C ARG A 479 -15.38 3.93 -0.24
N SER A 480 -14.84 5.07 -0.67
CA SER A 480 -13.83 5.79 0.10
C SER A 480 -14.37 6.15 1.48
N ARG A 481 -15.65 6.53 1.53
CA ARG A 481 -16.30 6.88 2.77
C ARG A 481 -16.38 5.66 3.71
N LEU A 482 -16.76 4.51 3.18
CA LEU A 482 -16.71 3.27 3.98
C LEU A 482 -15.30 2.98 4.49
N LYS A 483 -14.30 3.13 3.63
CA LYS A 483 -12.92 2.82 4.02
C LYS A 483 -12.38 3.75 5.10
N VAL A 484 -12.64 5.05 4.98
CA VAL A 484 -12.23 5.97 6.04
C VAL A 484 -12.93 5.64 7.37
N PHE A 485 -14.20 5.31 7.28
CA PHE A 485 -14.98 4.89 8.43
C PHE A 485 -14.36 3.64 9.08
N PHE A 486 -14.08 2.61 8.28
CA PHE A 486 -13.43 1.40 8.81
C PHE A 486 -12.06 1.72 9.41
N ASP A 487 -11.27 2.59 8.77
CA ASP A 487 -9.97 2.95 9.32
C ASP A 487 -10.10 3.57 10.72
N TRP A 488 -11.08 4.46 10.89
CA TRP A 488 -11.28 5.14 12.16
C TRP A 488 -11.75 4.16 13.23
N ILE A 489 -12.61 3.22 12.84
CA ILE A 489 -13.07 2.20 13.76
C ILE A 489 -11.90 1.33 14.25
N LYS A 490 -11.04 0.94 13.31
CA LYS A 490 -9.89 0.13 13.69
C LYS A 490 -8.94 0.93 14.60
N LEU A 491 -8.93 2.25 14.43
CA LEU A 491 -8.12 3.14 15.25
C LEU A 491 -8.59 3.15 16.71
N ALA A 492 -9.87 2.84 16.93
CA ALA A 492 -10.41 2.78 18.29
C ALA A 492 -9.90 1.56 19.07
N PHE A 493 -9.55 0.48 18.38
CA PHE A 493 -9.16 -0.74 19.06
C PHE A 493 -7.68 -1.04 18.93
N PHE A 494 -7.07 -0.59 17.84
CA PHE A 494 -5.68 -0.95 17.56
C PHE A 494 -4.79 0.25 17.22
N LYS A 495 -3.49 0.05 17.33
CA LYS A 495 -2.50 1.05 16.89
C LYS A 495 -2.51 1.24 15.37
N ARG A 496 -2.07 2.42 14.93
CA ARG A 496 -1.89 2.71 13.53
C ARG A 496 -0.92 1.71 12.86
N ASP A 497 -1.24 1.28 11.64
CA ASP A 497 -0.28 0.57 10.79
C ASP A 497 0.80 1.55 10.36
N PHE A 498 2.04 1.29 10.75
CA PHE A 498 3.15 2.12 10.34
C PHE A 498 4.27 1.23 9.76
N PHE A 499 3.99 0.63 8.59
CA PHE A 499 5.00 -0.18 7.89
C PHE A 499 5.90 0.69 7.01
N LYS A 500 7.20 0.49 7.17
CA LYS A 500 8.22 1.26 6.45
C LYS A 500 8.16 1.09 4.92
N GLY A 501 7.72 -0.08 4.43
CA GLY A 501 7.72 -0.32 3.01
C GLY A 501 6.40 -0.83 2.43
N LEU A 502 5.28 -0.35 2.97
CA LEU A 502 3.99 -0.90 2.58
C LEU A 502 2.83 0.06 2.88
N THR B 31 37.65 -7.51 15.52
CA THR B 31 36.87 -8.06 16.64
C THR B 31 35.38 -8.17 16.32
N MET B 32 34.70 -9.11 16.99
CA MET B 32 33.29 -9.43 16.74
C MET B 32 32.40 -9.21 17.97
N LYS B 33 31.39 -8.34 17.84
CA LYS B 33 30.46 -8.06 18.93
C LYS B 33 29.71 -9.34 19.34
N VAL B 34 29.51 -9.55 20.64
CA VAL B 34 28.79 -10.71 21.13
C VAL B 34 27.76 -10.31 22.18
N ILE B 35 26.50 -10.67 21.94
CA ILE B 35 25.42 -10.24 22.83
C ILE B 35 24.98 -11.36 23.77
N ASP B 36 25.34 -11.24 25.04
CA ASP B 36 25.07 -12.28 26.04
C ASP B 36 24.46 -11.66 27.29
N PRO B 37 23.12 -11.65 27.37
CA PRO B 37 22.34 -11.01 28.44
C PRO B 37 22.26 -11.87 29.71
N GLN B 38 23.24 -11.72 30.60
CA GLN B 38 23.30 -12.55 31.81
C GLN B 38 22.82 -11.83 33.06
N HIS B 39 22.17 -10.69 32.84
CA HIS B 39 21.41 -9.97 33.87
C HIS B 39 20.62 -10.94 34.74
N SER B 40 19.68 -11.63 34.11
CA SER B 40 18.82 -12.59 34.79
C SER B 40 19.45 -13.97 34.82
N ASP B 41 18.95 -14.83 35.71
CA ASP B 41 19.30 -16.24 35.70
C ASP B 41 18.29 -16.99 34.84
N LYS B 42 17.29 -16.26 34.35
CA LYS B 42 16.36 -16.74 33.34
C LYS B 42 17.15 -17.13 32.09
N PRO B 43 16.92 -18.35 31.60
CA PRO B 43 17.66 -18.81 30.42
C PRO B 43 17.20 -18.10 29.15
N ASN B 44 18.15 -17.84 28.26
CA ASN B 44 17.90 -17.12 27.02
C ASN B 44 17.41 -18.04 25.92
N VAL B 45 16.14 -17.90 25.57
CA VAL B 45 15.56 -18.62 24.45
C VAL B 45 15.66 -17.76 23.19
N LEU B 46 16.39 -18.23 22.19
CA LEU B 46 16.53 -17.46 20.95
C LEU B 46 15.71 -18.07 19.81
N ILE B 47 14.74 -17.32 19.33
CA ILE B 47 13.87 -17.75 18.24
C ILE B 47 14.36 -17.20 16.89
N LEU B 48 14.48 -18.06 15.89
CA LEU B 48 14.79 -17.58 14.55
C LEU B 48 13.53 -17.60 13.68
N GLY B 49 13.22 -16.48 13.05
CA GLY B 49 12.07 -16.36 12.16
C GLY B 49 10.91 -15.62 12.81
N SER B 50 9.96 -15.18 11.98
CA SER B 50 8.73 -14.57 12.47
C SER B 50 7.54 -15.01 11.64
N GLY B 51 7.46 -16.32 11.39
CA GLY B 51 6.35 -16.89 10.65
C GLY B 51 5.51 -17.81 11.52
N TRP B 52 4.89 -18.80 10.90
CA TRP B 52 3.97 -19.69 11.61
C TRP B 52 4.59 -20.41 12.81
N GLY B 53 5.81 -20.91 12.65
CA GLY B 53 6.50 -21.59 13.73
C GLY B 53 6.91 -20.63 14.85
N ALA B 54 7.73 -19.66 14.49
CA ALA B 54 8.26 -18.71 15.47
C ALA B 54 7.20 -17.93 16.24
N ILE B 55 6.13 -17.50 15.56
CA ILE B 55 5.09 -16.69 16.19
C ILE B 55 4.17 -17.53 17.05
N SER B 56 3.83 -18.73 16.58
CA SER B 56 2.92 -19.57 17.36
C SER B 56 3.60 -19.93 18.67
N PHE B 57 4.90 -20.22 18.58
CA PHE B 57 5.74 -20.49 19.73
C PHE B 57 5.82 -19.27 20.65
N LEU B 58 6.05 -18.10 20.06
CA LEU B 58 6.07 -16.87 20.84
C LEU B 58 4.77 -16.66 21.63
N LYS B 59 3.64 -17.03 21.05
CA LYS B 59 2.37 -16.85 21.75
C LYS B 59 2.23 -17.75 22.95
N HIS B 60 2.88 -18.92 22.91
CA HIS B 60 2.65 -19.89 23.98
C HIS B 60 3.75 -19.94 25.05
N ILE B 61 4.95 -19.46 24.70
CA ILE B 61 6.06 -19.51 25.64
C ILE B 61 5.81 -18.61 26.87
N ASP B 62 6.24 -19.07 28.04
CA ASP B 62 6.04 -18.35 29.30
C ASP B 62 7.22 -17.39 29.55
N THR B 63 7.01 -16.10 29.35
CA THR B 63 8.11 -15.14 29.45
C THR B 63 8.50 -14.79 30.89
N LYS B 64 7.77 -15.34 31.87
CA LYS B 64 8.16 -15.23 33.28
C LYS B 64 9.19 -16.29 33.67
N LYS B 65 9.36 -17.32 32.85
CA LYS B 65 10.35 -18.35 33.11
C LYS B 65 11.53 -18.21 32.15
N TYR B 66 11.31 -17.53 31.03
CA TYR B 66 12.35 -17.41 30.00
C TYR B 66 12.57 -15.99 29.54
N ASN B 67 13.81 -15.68 29.15
CA ASN B 67 14.10 -14.46 28.43
C ASN B 67 14.09 -14.78 26.94
N VAL B 68 13.18 -14.15 26.21
CA VAL B 68 13.00 -14.46 24.80
C VAL B 68 13.56 -13.38 23.89
N SER B 69 14.35 -13.81 22.91
CA SER B 69 14.79 -12.94 21.83
C SER B 69 14.34 -13.56 20.50
N ILE B 70 14.26 -12.72 19.46
CA ILE B 70 13.77 -13.14 18.17
C ILE B 70 14.63 -12.48 17.09
N ILE B 71 15.07 -13.26 16.10
CA ILE B 71 15.79 -12.72 14.96
C ILE B 71 15.05 -13.02 13.67
N SER B 72 14.74 -11.99 12.90
CA SER B 72 14.05 -12.16 11.62
C SER B 72 14.12 -10.90 10.76
N PRO B 73 14.40 -11.08 9.45
CA PRO B 73 14.52 -9.94 8.54
C PRO B 73 13.15 -9.29 8.24
N ARG B 74 12.08 -9.95 8.67
CA ARG B 74 10.70 -9.53 8.42
C ARG B 74 10.02 -9.13 9.74
N SER B 75 9.66 -7.86 9.89
CA SER B 75 9.12 -7.34 11.14
C SER B 75 7.72 -7.80 11.51
N TYR B 76 7.15 -8.64 10.66
CA TYR B 76 5.74 -9.01 10.81
C TYR B 76 5.50 -10.49 10.55
N PHE B 77 4.43 -11.02 11.15
CA PHE B 77 3.92 -12.33 10.81
C PHE B 77 3.07 -12.20 9.55
N LEU B 78 3.14 -13.21 8.67
CA LEU B 78 2.34 -13.25 7.45
C LEU B 78 1.35 -14.41 7.51
N PHE B 79 0.05 -14.11 7.48
CA PHE B 79 -0.92 -15.18 7.42
C PHE B 79 -0.96 -15.77 5.99
N THR B 80 -0.09 -16.76 5.73
CA THR B 80 0.12 -17.27 4.37
C THR B 80 -1.12 -17.74 3.58
N PRO B 81 -2.07 -18.41 4.23
CA PRO B 81 -3.21 -18.88 3.43
C PRO B 81 -4.02 -17.80 2.73
N LEU B 82 -3.96 -16.54 3.14
CA LEU B 82 -4.66 -15.49 2.38
C LEU B 82 -3.75 -14.77 1.40
N LEU B 83 -2.49 -15.18 1.31
CA LEU B 83 -1.58 -14.54 0.37
C LEU B 83 -2.04 -14.62 -1.09
N PRO B 84 -2.53 -15.80 -1.55
CA PRO B 84 -2.96 -15.85 -2.96
C PRO B 84 -4.09 -14.87 -3.28
N SER B 85 -4.80 -14.41 -2.25
CA SER B 85 -5.92 -13.53 -2.49
C SER B 85 -5.54 -12.04 -2.38
N ALA B 86 -4.29 -11.76 -2.07
CA ALA B 86 -3.79 -10.38 -2.01
C ALA B 86 -3.41 -9.71 -3.35
N PRO B 87 -2.89 -10.47 -4.34
CA PRO B 87 -2.54 -9.75 -5.58
C PRO B 87 -3.68 -8.97 -6.24
N VAL B 88 -4.91 -9.50 -6.20
CA VAL B 88 -6.01 -8.80 -6.83
C VAL B 88 -6.85 -7.97 -5.83
N GLY B 89 -6.36 -7.82 -4.61
CA GLY B 89 -7.06 -7.03 -3.62
C GLY B 89 -8.36 -7.58 -3.06
N THR B 90 -8.54 -8.90 -3.09
CA THR B 90 -9.65 -9.52 -2.40
C THR B 90 -9.46 -9.25 -0.90
N VAL B 91 -8.22 -9.41 -0.44
CA VAL B 91 -7.80 -8.81 0.84
C VAL B 91 -6.66 -7.85 0.52
N ASP B 92 -6.37 -6.94 1.45
CA ASP B 92 -5.23 -6.03 1.29
C ASP B 92 -3.98 -6.66 1.89
N GLU B 93 -2.80 -6.26 1.43
CA GLU B 93 -1.58 -6.80 2.02
C GLU B 93 -1.49 -6.56 3.52
N LYS B 94 -1.85 -5.37 3.99
CA LYS B 94 -1.77 -5.04 5.41
C LYS B 94 -2.74 -5.83 6.26
N SER B 95 -3.82 -6.30 5.64
CA SER B 95 -4.84 -7.02 6.40
C SER B 95 -4.35 -8.38 6.87
N ILE B 96 -3.45 -9.01 6.11
CA ILE B 96 -3.03 -10.37 6.41
C ILE B 96 -1.67 -10.46 7.12
N ILE B 97 -1.14 -9.30 7.52
CA ILE B 97 0.13 -9.25 8.25
C ILE B 97 -0.06 -8.60 9.63
N GLU B 98 0.88 -8.84 10.54
CA GLU B 98 0.76 -8.40 11.92
C GLU B 98 2.16 -8.20 12.48
N PRO B 99 2.52 -6.94 12.85
CA PRO B 99 3.85 -6.65 13.40
C PRO B 99 4.19 -7.55 14.60
N ILE B 100 5.42 -8.08 14.67
CA ILE B 100 5.87 -8.91 15.79
C ILE B 100 5.63 -8.24 17.15
N VAL B 101 6.08 -6.98 17.24
CA VAL B 101 5.85 -6.11 18.39
C VAL B 101 4.47 -6.24 19.05
N ASN B 102 3.41 -6.33 18.26
CA ASN B 102 2.07 -6.54 18.81
C ASN B 102 1.90 -7.87 19.53
N PHE B 103 2.51 -8.93 19.02
CA PHE B 103 2.51 -10.22 19.72
C PHE B 103 3.34 -10.10 21.00
N ALA B 104 4.43 -9.35 20.91
CA ALA B 104 5.38 -9.23 21.99
C ALA B 104 4.94 -8.31 23.14
N LEU B 105 4.06 -7.35 22.85
CA LEU B 105 3.49 -6.51 23.90
C LEU B 105 2.51 -7.26 24.81
N LYS B 106 1.96 -8.38 24.32
CA LYS B 106 1.06 -9.20 25.14
C LYS B 106 1.83 -10.12 26.09
N LYS B 107 3.14 -10.19 25.91
CA LYS B 107 4.00 -11.03 26.75
C LYS B 107 4.31 -10.31 28.06
N LYS B 108 4.31 -11.06 29.17
CA LYS B 108 4.52 -10.45 30.48
C LYS B 108 5.98 -10.12 30.77
N GLY B 109 6.90 -10.87 30.16
CA GLY B 109 8.31 -10.68 30.41
C GLY B 109 9.03 -9.77 29.43
N ASN B 110 10.34 -10.01 29.29
CA ASN B 110 11.19 -9.25 28.38
C ASN B 110 11.31 -9.94 27.03
N VAL B 111 10.88 -9.26 25.97
CA VAL B 111 11.06 -9.76 24.61
C VAL B 111 11.92 -8.79 23.82
N THR B 112 12.91 -9.31 23.11
CA THR B 112 13.77 -8.50 22.25
C THR B 112 13.67 -8.99 20.79
N TYR B 113 13.46 -8.08 19.85
CA TYR B 113 13.39 -8.45 18.45
C TYR B 113 14.47 -7.75 17.62
N TYR B 114 15.33 -8.56 16.99
CA TYR B 114 16.34 -8.04 16.08
C TYR B 114 15.87 -8.13 14.64
N GLU B 115 15.61 -6.99 14.01
CA GLU B 115 15.34 -7.02 12.58
C GLU B 115 16.69 -7.22 11.88
N ALA B 116 17.03 -8.50 11.70
CA ALA B 116 18.26 -8.88 11.02
C ALA B 116 18.12 -10.30 10.46
N GLU B 117 19.04 -10.67 9.59
CA GLU B 117 19.04 -12.00 9.01
C GLU B 117 20.07 -12.91 9.72
N ALA B 118 19.63 -14.04 10.25
CA ALA B 118 20.59 -15.03 10.77
C ALA B 118 21.38 -15.65 9.62
N THR B 119 22.70 -15.44 9.60
CA THR B 119 23.53 -15.95 8.51
C THR B 119 24.31 -17.20 8.84
N SER B 120 24.43 -17.51 10.13
CA SER B 120 25.28 -18.61 10.53
C SER B 120 24.99 -19.05 11.95
N ILE B 121 24.52 -20.28 12.09
CA ILE B 121 24.33 -20.86 13.41
C ILE B 121 25.63 -21.55 13.84
N ASN B 122 26.11 -21.21 15.04
CA ASN B 122 27.39 -21.67 15.56
C ASN B 122 27.19 -22.42 16.87
N PRO B 123 26.88 -23.72 16.76
CA PRO B 123 26.35 -24.55 17.86
C PRO B 123 27.39 -24.88 18.92
N ASP B 124 28.66 -24.88 18.51
CA ASP B 124 29.75 -25.15 19.44
C ASP B 124 29.87 -24.04 20.49
N ARG B 125 29.85 -22.78 20.04
CA ARG B 125 29.89 -21.64 20.95
C ARG B 125 28.52 -21.06 21.34
N ASN B 126 27.43 -21.79 21.04
CA ASN B 126 26.06 -21.35 21.37
C ASN B 126 25.69 -19.97 20.86
N THR B 127 25.99 -19.72 19.59
CA THR B 127 25.89 -18.37 19.07
C THR B 127 25.27 -18.34 17.67
N VAL B 128 24.40 -17.35 17.42
CA VAL B 128 23.88 -17.09 16.07
C VAL B 128 24.48 -15.79 15.50
N THR B 129 25.12 -15.87 14.33
CA THR B 129 25.64 -14.68 13.66
C THR B 129 24.53 -13.97 12.88
N ILE B 130 24.48 -12.64 12.94
CA ILE B 130 23.46 -11.88 12.23
C ILE B 130 24.06 -10.79 11.36
N LYS B 131 23.47 -10.61 10.17
CA LYS B 131 23.88 -9.55 9.26
C LYS B 131 22.66 -8.77 8.79
N SER B 132 22.89 -7.74 7.99
CA SER B 132 21.83 -6.86 7.52
C SER B 132 20.89 -6.40 8.66
N LEU B 133 21.47 -5.98 9.78
CA LEU B 133 20.69 -5.51 10.93
C LEU B 133 20.08 -4.12 10.67
N SER B 134 18.76 -4.01 10.87
CA SER B 134 18.06 -2.74 10.59
C SER B 134 17.67 -2.02 11.87
N ALA B 135 17.23 -2.80 12.87
CA ALA B 135 16.74 -2.24 14.12
C ALA B 135 16.78 -3.30 15.21
N VAL B 136 16.74 -2.85 16.47
CA VAL B 136 16.63 -3.75 17.63
C VAL B 136 15.60 -3.15 18.54
N SER B 137 14.61 -3.95 18.97
CA SER B 137 13.55 -3.40 19.81
C SER B 137 13.47 -4.15 21.12
N GLN B 138 14.06 -3.58 22.17
CA GLN B 138 13.96 -4.14 23.50
C GLN B 138 12.65 -3.68 24.09
N LEU B 139 11.72 -4.62 24.26
CA LEU B 139 10.40 -4.28 24.78
C LEU B 139 10.38 -4.42 26.29
N TYR B 140 11.37 -3.80 26.94
CA TYR B 140 11.45 -3.82 28.39
C TYR B 140 12.07 -2.56 28.99
N GLN B 141 11.58 -2.24 30.17
CA GLN B 141 11.76 -0.96 30.85
C GLN B 141 13.24 -0.52 31.04
N PRO B 142 14.10 -1.40 31.62
CA PRO B 142 15.50 -0.97 31.73
C PRO B 142 16.25 -1.18 30.42
N GLU B 143 16.52 -0.10 29.70
CA GLU B 143 17.21 -0.17 28.43
C GLU B 143 18.70 -0.46 28.63
N ASN B 144 19.24 -1.37 27.83
CA ASN B 144 20.69 -1.58 27.76
C ASN B 144 21.19 -1.19 26.38
N HIS B 145 22.09 -0.22 26.32
CA HIS B 145 22.65 0.14 25.02
C HIS B 145 23.63 -0.94 24.57
N LEU B 146 23.23 -1.66 23.52
CA LEU B 146 23.96 -2.84 23.09
C LEU B 146 25.15 -2.48 22.20
N GLY B 147 25.18 -1.26 21.71
CA GLY B 147 26.33 -0.81 20.94
C GLY B 147 26.43 -1.39 19.54
N LEU B 148 25.31 -1.92 19.06
CA LEU B 148 25.23 -2.43 17.69
C LEU B 148 25.08 -1.28 16.69
N HIS B 149 25.62 -1.48 15.49
CA HIS B 149 25.42 -0.54 14.39
C HIS B 149 24.72 -1.31 13.25
N GLN B 150 23.97 -0.59 12.42
CA GLN B 150 23.37 -1.21 11.25
C GLN B 150 24.46 -1.73 10.33
N ALA B 151 24.15 -2.78 9.56
CA ALA B 151 25.07 -3.34 8.59
C ALA B 151 26.43 -3.73 9.21
N GLU B 152 26.37 -4.17 10.46
CA GLU B 152 27.56 -4.58 11.19
C GLU B 152 27.32 -5.89 11.91
N PRO B 153 28.10 -6.93 11.54
CA PRO B 153 27.96 -8.32 11.99
C PRO B 153 27.97 -8.42 13.51
N ALA B 154 27.17 -9.32 14.05
CA ALA B 154 27.21 -9.56 15.49
C ALA B 154 26.86 -11.01 15.75
N GLU B 155 27.04 -11.47 16.98
CA GLU B 155 26.67 -12.82 17.33
C GLU B 155 25.79 -12.79 18.56
N ILE B 156 24.62 -13.42 18.48
CA ILE B 156 23.73 -13.46 19.63
C ILE B 156 23.88 -14.80 20.30
N LYS B 157 23.96 -14.80 21.62
CA LYS B 157 24.20 -16.02 22.37
C LYS B 157 22.91 -16.52 22.98
N TYR B 158 22.79 -17.84 23.13
CA TYR B 158 21.55 -18.44 23.61
C TYR B 158 21.78 -19.61 24.55
N ASP B 159 20.80 -19.90 25.39
CA ASP B 159 20.80 -21.15 26.15
C ASP B 159 19.93 -22.17 25.43
N TYR B 160 18.90 -21.69 24.75
CA TYR B 160 18.02 -22.53 23.94
C TYR B 160 17.73 -21.84 22.61
N LEU B 161 17.98 -22.56 21.51
CA LEU B 161 17.68 -22.04 20.17
C LEU B 161 16.43 -22.69 19.59
N ILE B 162 15.56 -21.88 18.98
CA ILE B 162 14.35 -22.38 18.31
C ILE B 162 14.43 -21.97 16.86
N SER B 163 14.76 -22.90 15.98
CA SER B 163 14.94 -22.57 14.56
C SER B 163 13.65 -22.73 13.76
N ALA B 164 13.28 -21.66 13.05
CA ALA B 164 12.02 -21.60 12.33
C ALA B 164 12.06 -20.59 11.19
N VAL B 165 13.14 -20.64 10.41
CA VAL B 165 13.35 -19.71 9.29
C VAL B 165 12.60 -20.14 8.03
N GLY B 166 11.82 -21.22 8.16
CA GLY B 166 11.04 -21.76 7.05
C GLY B 166 11.95 -22.22 5.92
N ALA B 167 11.36 -22.40 4.74
CA ALA B 167 12.08 -22.80 3.54
C ALA B 167 11.84 -21.75 2.49
N GLU B 168 12.66 -21.74 1.44
CA GLU B 168 12.53 -20.76 0.36
C GLU B 168 12.07 -21.38 -0.97
N PRO B 169 11.58 -20.56 -1.90
CA PRO B 169 11.07 -21.11 -3.17
C PRO B 169 12.11 -21.93 -3.95
N ASN B 170 11.64 -22.98 -4.62
CA ASN B 170 12.51 -23.86 -5.38
C ASN B 170 12.15 -23.87 -6.88
N THR B 171 13.10 -23.48 -7.72
CA THR B 171 12.89 -23.42 -9.16
C THR B 171 13.14 -24.76 -9.85
N PHE B 172 13.60 -25.75 -9.08
CA PHE B 172 13.94 -27.08 -9.59
C PHE B 172 14.94 -27.05 -10.75
N GLY B 173 15.86 -26.08 -10.73
CA GLY B 173 16.85 -25.93 -11.78
C GLY B 173 16.31 -25.47 -13.12
N ILE B 174 15.03 -25.12 -13.20
CA ILE B 174 14.44 -24.65 -14.46
C ILE B 174 14.93 -23.25 -14.81
N PRO B 175 15.55 -23.08 -15.98
CA PRO B 175 16.05 -21.77 -16.40
C PRO B 175 14.93 -20.74 -16.55
N GLY B 176 15.19 -19.50 -16.12
CA GLY B 176 14.28 -18.40 -16.35
C GLY B 176 13.28 -18.07 -15.25
N VAL B 177 12.99 -18.99 -14.34
CA VAL B 177 11.89 -18.73 -13.40
C VAL B 177 12.21 -17.61 -12.42
N THR B 178 13.42 -17.59 -11.91
CA THR B 178 13.86 -16.48 -11.08
C THR B 178 13.80 -15.14 -11.83
N ASP B 179 14.25 -15.12 -13.08
CA ASP B 179 14.36 -13.86 -13.81
C ASP B 179 13.05 -13.40 -14.42
N TYR B 180 12.17 -14.32 -14.76
CA TYR B 180 11.03 -13.96 -15.57
C TYR B 180 9.69 -14.22 -14.90
N GLY B 181 9.69 -15.01 -13.83
CA GLY B 181 8.47 -15.29 -13.10
C GLY B 181 8.43 -14.61 -11.74
N HIS B 182 7.35 -14.84 -11.00
CA HIS B 182 7.21 -14.36 -9.64
C HIS B 182 6.92 -15.54 -8.77
N PHE B 183 7.62 -15.65 -7.65
CA PHE B 183 7.24 -16.60 -6.63
C PHE B 183 5.99 -16.06 -5.94
N LEU B 184 5.32 -16.92 -5.18
CA LEU B 184 4.19 -16.48 -4.39
C LEU B 184 4.46 -16.91 -2.94
N LYS B 185 5.41 -16.21 -2.32
CA LYS B 185 5.80 -16.56 -0.96
C LYS B 185 5.73 -15.40 0.00
N GLU B 186 5.96 -14.18 -0.48
CA GLU B 186 6.06 -13.04 0.44
C GLU B 186 5.30 -11.81 -0.05
N ILE B 187 4.94 -10.94 0.88
CA ILE B 187 4.22 -9.70 0.56
C ILE B 187 4.73 -9.00 -0.72
N PRO B 188 6.07 -8.76 -0.81
CA PRO B 188 6.59 -8.18 -2.07
C PRO B 188 6.22 -8.92 -3.35
N ASN B 189 5.99 -10.23 -3.24
CA ASN B 189 5.57 -11.01 -4.41
C ASN B 189 4.20 -10.61 -4.91
N SER B 190 3.26 -10.44 -3.96
CA SER B 190 1.92 -9.95 -4.24
C SER B 190 1.95 -8.61 -4.99
N LEU B 191 2.77 -7.69 -4.51
CA LEU B 191 2.91 -6.38 -5.13
C LEU B 191 3.45 -6.51 -6.56
N GLU B 192 4.46 -7.35 -6.75
CA GLU B 192 5.09 -7.56 -8.06
C GLU B 192 4.09 -8.13 -9.09
N ILE B 193 3.35 -9.15 -8.68
CA ILE B 193 2.34 -9.77 -9.54
C ILE B 193 1.31 -8.74 -9.98
N ARG B 194 0.76 -8.00 -9.03
CA ARG B 194 -0.18 -6.93 -9.36
C ARG B 194 0.47 -5.93 -10.32
N ARG B 195 1.71 -5.55 -10.07
CA ARG B 195 2.35 -4.55 -10.92
C ARG B 195 2.53 -5.10 -12.33
N THR B 196 3.00 -6.35 -12.43
CA THR B 196 3.22 -6.97 -13.73
C THR B 196 1.92 -7.08 -14.52
N PHE B 197 0.89 -7.64 -13.88
CA PHE B 197 -0.35 -7.89 -14.57
C PHE B 197 -1.09 -6.59 -14.95
N ALA B 198 -1.07 -5.58 -14.08
CA ALA B 198 -1.74 -4.31 -14.37
C ALA B 198 -1.07 -3.58 -15.53
N ALA B 199 0.27 -3.65 -15.58
CA ALA B 199 1.03 -3.07 -16.67
C ALA B 199 0.66 -3.78 -17.97
N ASN B 200 0.41 -5.08 -17.88
CA ASN B 200 0.05 -5.87 -19.05
C ASN B 200 -1.34 -5.53 -19.60
N LEU B 201 -2.31 -5.39 -18.71
CA LEU B 201 -3.65 -4.99 -19.12
C LEU B 201 -3.64 -3.64 -19.82
N GLU B 202 -2.75 -2.76 -19.39
CA GLU B 202 -2.68 -1.42 -19.96
C GLU B 202 -2.13 -1.43 -21.40
N LYS B 203 -1.01 -2.11 -21.61
CA LYS B 203 -0.45 -2.26 -22.95
C LYS B 203 -1.42 -3.01 -23.85
N ALA B 204 -1.90 -4.17 -23.38
CA ALA B 204 -2.78 -5.00 -24.16
C ALA B 204 -3.98 -4.20 -24.67
N ASN B 205 -4.56 -3.37 -23.82
CA ASN B 205 -5.75 -2.62 -24.23
C ASN B 205 -5.49 -1.57 -25.32
N LEU B 206 -4.22 -1.17 -25.49
CA LEU B 206 -3.85 -0.18 -26.50
C LEU B 206 -3.66 -0.83 -27.86
N LEU B 207 -3.48 -2.15 -27.83
CA LEU B 207 -3.30 -2.98 -29.02
C LEU B 207 -4.66 -3.31 -29.66
N PRO B 208 -4.66 -3.49 -30.99
CA PRO B 208 -5.91 -3.85 -31.71
C PRO B 208 -6.31 -5.30 -31.43
N LYS B 209 -7.62 -5.55 -31.36
CA LYS B 209 -8.15 -6.91 -31.19
C LYS B 209 -7.60 -7.81 -32.29
N GLY B 210 -7.11 -8.99 -31.93
CA GLY B 210 -6.58 -9.94 -32.90
C GLY B 210 -5.07 -9.99 -32.87
N ASP B 211 -4.47 -8.95 -32.30
CA ASP B 211 -3.02 -8.88 -32.18
C ASP B 211 -2.53 -9.96 -31.21
N PRO B 212 -1.58 -10.80 -31.67
CA PRO B 212 -1.02 -11.85 -30.82
C PRO B 212 -0.25 -11.32 -29.62
N GLU B 213 0.33 -10.13 -29.73
CA GLU B 213 1.01 -9.54 -28.58
C GLU B 213 -0.02 -9.19 -27.50
N ARG B 214 -1.22 -8.82 -27.94
CA ARG B 214 -2.31 -8.56 -27.03
C ARG B 214 -2.75 -9.86 -26.32
N ARG B 215 -2.85 -10.96 -27.06
CA ARG B 215 -3.21 -12.22 -26.39
C ARG B 215 -2.12 -12.68 -25.41
N ARG B 216 -0.86 -12.47 -25.77
CA ARG B 216 0.24 -12.80 -24.88
C ARG B 216 0.15 -11.99 -23.57
N LEU B 217 -0.02 -10.68 -23.70
CA LEU B 217 -0.06 -9.80 -22.53
C LEU B 217 -1.22 -10.13 -21.60
N LEU B 218 -2.28 -10.68 -22.17
CA LEU B 218 -3.45 -11.10 -21.39
C LEU B 218 -3.36 -12.57 -20.90
N SER B 219 -2.18 -13.17 -21.01
CA SER B 219 -1.97 -14.55 -20.54
C SER B 219 -1.26 -14.64 -19.21
N ILE B 220 -1.78 -15.50 -18.35
CA ILE B 220 -1.19 -15.75 -17.04
C ILE B 220 -0.96 -17.24 -16.93
N VAL B 221 0.22 -17.63 -16.47
CA VAL B 221 0.50 -19.03 -16.23
C VAL B 221 0.81 -19.21 -14.76
N VAL B 222 0.04 -20.08 -14.10
CA VAL B 222 0.33 -20.39 -12.72
C VAL B 222 0.86 -21.80 -12.70
N VAL B 223 2.06 -21.98 -12.17
CA VAL B 223 2.68 -23.30 -12.09
C VAL B 223 2.56 -23.86 -10.68
N GLY B 224 1.81 -24.95 -10.54
CA GLY B 224 1.54 -25.51 -9.22
C GLY B 224 0.07 -25.84 -9.04
N GLY B 225 -0.25 -27.12 -8.89
CA GLY B 225 -1.63 -27.54 -8.82
C GLY B 225 -2.11 -27.79 -7.40
N GLY B 226 -1.31 -27.41 -6.41
CA GLY B 226 -1.73 -27.46 -5.02
C GLY B 226 -2.72 -26.35 -4.72
N PRO B 227 -3.20 -26.28 -3.46
CA PRO B 227 -4.21 -25.28 -3.11
C PRO B 227 -3.71 -23.87 -3.39
N THR B 228 -2.42 -23.64 -3.23
CA THR B 228 -1.86 -22.32 -3.44
C THR B 228 -2.00 -21.85 -4.88
N GLY B 229 -1.50 -22.64 -5.84
CA GLY B 229 -1.62 -22.30 -7.24
C GLY B 229 -3.07 -22.19 -7.65
N VAL B 230 -3.91 -23.12 -7.18
CA VAL B 230 -5.33 -23.09 -7.52
C VAL B 230 -6.01 -21.81 -7.06
N GLU B 231 -5.78 -21.42 -5.79
CA GLU B 231 -6.46 -20.25 -5.23
C GLU B 231 -5.94 -19.00 -5.91
N ALA B 232 -4.65 -18.98 -6.22
CA ALA B 232 -4.07 -17.89 -6.98
C ALA B 232 -4.81 -17.72 -8.30
N ALA B 233 -5.03 -18.82 -9.01
CA ALA B 233 -5.71 -18.78 -10.29
C ALA B 233 -7.17 -18.35 -10.13
N GLY B 234 -7.84 -18.89 -9.12
CA GLY B 234 -9.24 -18.57 -8.91
C GLY B 234 -9.42 -17.10 -8.53
N GLU B 235 -8.45 -16.55 -7.81
CA GLU B 235 -8.53 -15.17 -7.39
C GLU B 235 -8.32 -14.24 -8.60
N LEU B 236 -7.32 -14.51 -9.42
CA LEU B 236 -7.14 -13.75 -10.65
C LEU B 236 -8.38 -13.85 -11.54
N GLN B 237 -8.87 -15.07 -11.75
CA GLN B 237 -10.10 -15.27 -12.51
C GLN B 237 -11.28 -14.49 -11.91
N ASP B 238 -11.38 -14.45 -10.59
CA ASP B 238 -12.43 -13.70 -9.90
C ASP B 238 -12.36 -12.20 -10.22
N TYR B 239 -11.14 -11.65 -10.13
CA TYR B 239 -10.91 -10.26 -10.43
C TYR B 239 -11.33 -9.94 -11.87
N VAL B 240 -10.89 -10.79 -12.80
CA VAL B 240 -11.14 -10.60 -14.21
C VAL B 240 -12.64 -10.59 -14.50
N HIS B 241 -13.35 -11.59 -13.98
CA HIS B 241 -14.76 -11.77 -14.30
C HIS B 241 -15.70 -10.81 -13.55
N GLN B 242 -15.31 -10.42 -12.34
CA GLN B 242 -16.18 -9.63 -11.45
C GLN B 242 -15.94 -8.13 -11.54
N ASP B 243 -14.69 -7.73 -11.70
CA ASP B 243 -14.33 -6.31 -11.63
C ASP B 243 -13.85 -5.78 -12.97
N LEU B 244 -12.85 -6.42 -13.56
CA LEU B 244 -12.30 -5.92 -14.82
C LEU B 244 -13.37 -5.92 -15.91
N ARG B 245 -14.22 -6.95 -15.92
CA ARG B 245 -15.30 -7.04 -16.90
C ARG B 245 -16.28 -5.87 -16.80
N LYS B 246 -16.38 -5.26 -15.63
CA LYS B 246 -17.32 -4.17 -15.41
C LYS B 246 -17.00 -2.95 -16.26
N PHE B 247 -15.72 -2.69 -16.51
CA PHE B 247 -15.38 -1.51 -17.27
C PHE B 247 -14.55 -1.75 -18.54
N LEU B 248 -14.11 -2.98 -18.75
CA LEU B 248 -13.39 -3.34 -19.97
C LEU B 248 -13.71 -4.79 -20.32
N PRO B 249 -14.98 -5.05 -20.68
CA PRO B 249 -15.45 -6.44 -20.82
C PRO B 249 -14.77 -7.23 -21.94
N ALA B 250 -14.38 -6.57 -23.02
CA ALA B 250 -13.73 -7.24 -24.14
C ALA B 250 -12.34 -7.69 -23.73
N LEU B 251 -11.61 -6.80 -23.05
CA LEU B 251 -10.34 -7.17 -22.44
C LEU B 251 -10.49 -8.38 -21.52
N ALA B 252 -11.52 -8.36 -20.67
CA ALA B 252 -11.71 -9.44 -19.71
C ALA B 252 -12.04 -10.77 -20.37
N GLU B 253 -12.75 -10.74 -21.50
CA GLU B 253 -13.03 -11.98 -22.23
C GLU B 253 -11.75 -12.64 -22.74
N GLU B 254 -10.83 -11.80 -23.20
CA GLU B 254 -9.61 -12.28 -23.86
C GLU B 254 -8.51 -12.80 -22.93
N VAL B 255 -8.60 -12.54 -21.63
CA VAL B 255 -7.55 -13.07 -20.75
C VAL B 255 -7.68 -14.58 -20.62
N GLN B 256 -6.54 -15.24 -20.58
CA GLN B 256 -6.51 -16.67 -20.45
C GLN B 256 -5.57 -16.99 -19.31
N ILE B 257 -6.09 -17.65 -18.28
CA ILE B 257 -5.29 -18.12 -17.14
C ILE B 257 -5.01 -19.61 -17.31
N HIS B 258 -3.75 -19.99 -17.15
CA HIS B 258 -3.30 -21.37 -17.34
C HIS B 258 -2.80 -21.93 -16.02
N LEU B 259 -3.31 -23.11 -15.63
CA LEU B 259 -2.83 -23.81 -14.44
C LEU B 259 -2.02 -25.02 -14.90
N VAL B 260 -0.74 -25.06 -14.55
CA VAL B 260 0.15 -26.14 -14.98
C VAL B 260 0.51 -27.02 -13.78
N GLU B 261 0.22 -28.31 -13.89
CA GLU B 261 0.51 -29.24 -12.80
C GLU B 261 1.16 -30.53 -13.31
N ALA B 262 2.23 -30.95 -12.62
CA ALA B 262 3.05 -32.08 -13.07
C ALA B 262 2.35 -33.41 -12.90
N LEU B 263 1.59 -33.53 -11.81
CA LEU B 263 0.82 -34.73 -11.48
C LEU B 263 -0.38 -34.93 -12.42
N PRO B 264 -1.07 -36.07 -12.33
CA PRO B 264 -2.25 -36.28 -13.18
C PRO B 264 -3.55 -35.65 -12.67
N ILE B 265 -3.53 -35.11 -11.46
CA ILE B 265 -4.68 -34.37 -10.92
C ILE B 265 -4.22 -33.13 -10.15
N VAL B 266 -5.07 -32.10 -10.10
CA VAL B 266 -4.84 -30.98 -9.19
C VAL B 266 -5.28 -31.38 -7.78
N LEU B 267 -4.78 -30.66 -6.77
CA LEU B 267 -5.26 -30.85 -5.41
C LEU B 267 -5.15 -32.31 -4.96
N ASN B 268 -3.97 -32.89 -5.11
CA ASN B 268 -3.79 -34.35 -4.97
C ASN B 268 -3.85 -34.87 -3.54
N MET B 269 -3.85 -33.97 -2.56
CA MET B 269 -4.00 -34.34 -1.15
C MET B 269 -5.47 -34.62 -0.76
N PHE B 270 -6.38 -34.34 -1.68
CA PHE B 270 -7.80 -34.56 -1.44
C PHE B 270 -8.30 -35.88 -2.05
N GLU B 271 -9.51 -36.28 -1.69
CA GLU B 271 -10.22 -37.36 -2.38
C GLU B 271 -10.27 -37.04 -3.88
N LYS B 272 -10.07 -38.04 -4.74
CA LYS B 272 -10.00 -37.80 -6.18
C LYS B 272 -11.31 -37.20 -6.72
N LYS B 273 -12.43 -37.53 -6.09
CA LYS B 273 -13.71 -36.97 -6.52
C LYS B 273 -13.77 -35.45 -6.32
N LEU B 274 -13.16 -34.95 -5.24
CA LEU B 274 -13.11 -33.50 -5.00
C LEU B 274 -12.16 -32.84 -6.00
N SER B 275 -11.04 -33.50 -6.28
CA SER B 275 -10.16 -33.07 -7.36
C SER B 275 -10.91 -32.95 -8.68
N SER B 276 -11.80 -33.90 -8.98
CA SER B 276 -12.59 -33.83 -10.22
C SER B 276 -13.56 -32.66 -10.17
N TYR B 277 -14.22 -32.50 -9.02
CA TYR B 277 -15.13 -31.38 -8.85
C TYR B 277 -14.38 -30.08 -9.13
N ALA B 278 -13.19 -29.97 -8.52
CA ALA B 278 -12.37 -28.79 -8.61
C ALA B 278 -11.98 -28.47 -10.05
N GLN B 279 -11.31 -29.42 -10.70
CA GLN B 279 -10.83 -29.18 -12.06
C GLN B 279 -11.98 -28.79 -12.99
N SER B 280 -13.08 -29.50 -12.86
CA SER B 280 -14.25 -29.22 -13.68
C SER B 280 -14.77 -27.79 -13.42
N HIS B 281 -14.84 -27.38 -12.16
CA HIS B 281 -15.18 -26.00 -11.82
C HIS B 281 -14.20 -24.97 -12.43
N LEU B 282 -12.91 -25.19 -12.20
CA LEU B 282 -11.88 -24.30 -12.73
C LEU B 282 -12.01 -24.10 -14.24
N GLU B 283 -12.22 -25.18 -14.98
CA GLU B 283 -12.38 -25.10 -16.43
C GLU B 283 -13.70 -24.40 -16.78
N ASN B 284 -14.71 -24.62 -15.96
CA ASN B 284 -15.98 -23.93 -16.15
C ASN B 284 -15.85 -22.40 -15.98
N THR B 285 -14.85 -21.96 -15.20
CA THR B 285 -14.59 -20.52 -15.04
C THR B 285 -13.64 -20.02 -16.11
N SER B 286 -13.23 -20.92 -17.00
CA SER B 286 -12.42 -20.64 -18.22
C SER B 286 -10.91 -20.70 -18.00
N ILE B 287 -10.51 -21.22 -16.84
CA ILE B 287 -9.10 -21.54 -16.61
C ILE B 287 -8.72 -22.77 -17.45
N LYS B 288 -7.59 -22.68 -18.14
CA LYS B 288 -7.10 -23.86 -18.86
C LYS B 288 -6.16 -24.64 -17.94
N VAL B 289 -6.51 -25.90 -17.68
CA VAL B 289 -5.77 -26.75 -16.76
C VAL B 289 -4.89 -27.75 -17.55
N HIS B 290 -3.57 -27.69 -17.34
CA HIS B 290 -2.62 -28.58 -18.02
C HIS B 290 -2.07 -29.59 -17.03
N LEU B 291 -2.60 -30.83 -17.04
CA LEU B 291 -2.11 -31.89 -16.14
C LEU B 291 -0.97 -32.65 -16.78
N ARG B 292 -0.25 -33.43 -15.98
CA ARG B 292 0.91 -34.19 -16.46
C ARG B 292 1.91 -33.32 -17.21
N THR B 293 1.98 -32.04 -16.84
CA THR B 293 2.76 -31.07 -17.58
C THR B 293 3.77 -30.43 -16.67
N ALA B 294 5.00 -30.29 -17.15
CA ALA B 294 6.07 -29.66 -16.39
C ALA B 294 6.68 -28.57 -17.26
N VAL B 295 7.09 -27.47 -16.64
CA VAL B 295 7.75 -26.39 -17.38
C VAL B 295 9.22 -26.77 -17.57
N ALA B 296 9.68 -26.82 -18.82
CA ALA B 296 11.04 -27.29 -19.09
C ALA B 296 12.04 -26.14 -19.05
N LYS B 297 11.59 -24.98 -19.55
CA LYS B 297 12.38 -23.75 -19.48
C LYS B 297 11.50 -22.52 -19.70
N VAL B 298 11.91 -21.41 -19.07
CA VAL B 298 11.19 -20.16 -19.17
C VAL B 298 12.04 -19.09 -19.85
N GLU B 299 11.46 -18.45 -20.87
CA GLU B 299 12.08 -17.27 -21.45
C GLU B 299 11.25 -16.04 -21.05
N GLU B 300 11.64 -14.87 -21.52
CA GLU B 300 11.03 -13.62 -21.06
C GLU B 300 9.54 -13.55 -21.42
N LYS B 301 9.23 -13.94 -22.65
CA LYS B 301 7.90 -13.78 -23.22
C LYS B 301 7.17 -15.10 -23.49
N GLN B 302 7.84 -16.22 -23.24
CA GLN B 302 7.26 -17.52 -23.51
C GLN B 302 7.94 -18.62 -22.72
N LEU B 303 7.26 -19.74 -22.54
CA LEU B 303 7.85 -20.87 -21.80
C LEU B 303 7.56 -22.20 -22.48
N LEU B 304 8.37 -23.20 -22.17
CA LEU B 304 8.22 -24.51 -22.78
C LEU B 304 7.61 -25.49 -21.79
N ALA B 305 6.41 -25.96 -22.11
CA ALA B 305 5.72 -26.95 -21.29
C ALA B 305 5.77 -28.32 -21.95
N LYS B 306 6.15 -29.34 -21.19
CA LYS B 306 6.14 -30.71 -21.69
C LYS B 306 5.12 -31.59 -20.95
N THR B 307 4.30 -32.31 -21.72
CA THR B 307 3.33 -33.23 -21.14
C THR B 307 3.78 -34.67 -21.32
N LYS B 308 3.83 -35.41 -20.22
CA LYS B 308 4.12 -36.84 -20.26
C LYS B 308 2.80 -37.58 -20.15
N HIS B 309 2.31 -38.02 -21.30
CA HIS B 309 1.04 -38.74 -21.39
C HIS B 309 1.12 -40.10 -20.71
N GLU B 310 -0.03 -40.63 -20.32
CA GLU B 310 -0.09 -41.90 -19.58
C GLU B 310 0.53 -43.05 -20.40
N ASP B 311 0.54 -42.91 -21.72
CA ASP B 311 1.14 -43.92 -22.60
C ASP B 311 2.67 -43.88 -22.56
N GLY B 312 3.23 -42.77 -22.12
CA GLY B 312 4.68 -42.63 -22.04
C GLY B 312 5.31 -41.73 -23.09
N LYS B 313 4.50 -41.24 -24.02
CA LYS B 313 5.01 -40.31 -25.02
C LYS B 313 5.02 -38.88 -24.47
N ILE B 314 5.90 -38.04 -25.00
CA ILE B 314 6.02 -36.68 -24.55
C ILE B 314 5.66 -35.70 -25.67
N THR B 315 4.70 -34.80 -25.42
CA THR B 315 4.45 -33.71 -26.36
C THR B 315 4.88 -32.40 -25.73
N GLU B 316 5.08 -31.38 -26.55
CA GLU B 316 5.59 -30.12 -26.04
C GLU B 316 4.86 -28.92 -26.62
N GLU B 317 4.68 -27.88 -25.79
CA GLU B 317 3.98 -26.68 -26.21
C GLU B 317 4.73 -25.42 -25.76
N THR B 318 5.02 -24.54 -26.71
CA THR B 318 5.54 -23.23 -26.39
C THR B 318 4.34 -22.36 -26.02
N ILE B 319 4.27 -21.94 -24.76
CA ILE B 319 3.18 -21.07 -24.30
C ILE B 319 3.66 -19.64 -24.09
N PRO B 320 3.16 -18.69 -24.91
CA PRO B 320 3.43 -17.27 -24.66
C PRO B 320 2.67 -16.80 -23.41
N TYR B 321 3.32 -15.98 -22.58
CA TYR B 321 2.68 -15.54 -21.34
C TYR B 321 3.04 -14.07 -21.03
N GLY B 322 2.16 -13.38 -20.29
CA GLY B 322 2.47 -12.04 -19.81
C GLY B 322 2.90 -12.06 -18.35
N THR B 323 2.31 -12.97 -17.60
CA THR B 323 2.60 -13.04 -16.19
C THR B 323 2.82 -14.49 -15.87
N LEU B 324 3.90 -14.77 -15.13
CA LEU B 324 4.17 -16.14 -14.69
C LEU B 324 4.25 -16.19 -13.17
N ILE B 325 3.41 -17.02 -12.57
CA ILE B 325 3.39 -17.16 -11.13
C ILE B 325 3.83 -18.57 -10.82
N TRP B 326 4.87 -18.69 -10.02
CA TRP B 326 5.48 -19.97 -9.73
C TRP B 326 5.08 -20.41 -8.34
N ALA B 327 3.97 -21.14 -8.24
CA ALA B 327 3.38 -21.46 -6.95
C ALA B 327 3.68 -22.90 -6.53
N THR B 328 4.93 -23.31 -6.72
CA THR B 328 5.31 -24.65 -6.29
C THR B 328 6.72 -24.69 -5.74
N GLY B 329 6.98 -25.67 -4.89
CA GLY B 329 8.34 -25.99 -4.50
C GLY B 329 8.88 -25.27 -3.29
N ASN B 330 9.51 -26.05 -2.41
CA ASN B 330 10.28 -25.56 -1.29
C ASN B 330 11.70 -26.07 -1.44
N LYS B 331 12.64 -25.41 -0.78
CA LYS B 331 13.99 -25.94 -0.61
C LYS B 331 14.63 -25.30 0.63
N ALA B 332 15.53 -26.03 1.28
CA ALA B 332 16.12 -25.56 2.53
C ALA B 332 16.99 -24.30 2.31
N ARG B 333 16.98 -23.40 3.30
CA ARG B 333 17.77 -22.18 3.23
C ARG B 333 19.24 -22.45 3.61
N PRO B 334 20.18 -21.67 3.04
CA PRO B 334 21.63 -21.79 3.27
C PRO B 334 22.09 -21.81 4.74
N VAL B 335 21.48 -21.01 5.60
CA VAL B 335 21.85 -21.03 7.01
C VAL B 335 21.52 -22.40 7.63
N ILE B 336 20.57 -23.10 7.03
CA ILE B 336 20.19 -24.43 7.52
C ILE B 336 21.05 -25.49 6.81
N THR B 337 21.42 -25.19 5.56
CA THR B 337 22.30 -26.04 4.77
C THR B 337 23.71 -26.11 5.35
N ASP B 338 24.26 -24.95 5.70
CA ASP B 338 25.57 -24.84 6.34
C ASP B 338 25.60 -25.56 7.69
N LEU B 339 24.46 -25.53 8.38
CA LEU B 339 24.36 -26.14 9.69
C LEU B 339 24.49 -27.66 9.62
N PHE B 340 24.10 -28.24 8.48
CA PHE B 340 24.23 -29.68 8.25
C PHE B 340 25.66 -30.14 8.53
N LYS B 341 26.61 -29.46 7.88
CA LYS B 341 28.04 -29.78 8.00
C LYS B 341 28.71 -29.26 9.27
N LYS B 342 28.02 -29.29 10.40
CA LYS B 342 28.56 -28.77 11.66
C LYS B 342 28.06 -29.65 12.79
N ILE B 343 27.01 -30.39 12.51
CA ILE B 343 26.49 -31.36 13.46
C ILE B 343 26.62 -32.75 12.87
N PRO B 344 27.36 -33.64 13.57
CA PRO B 344 27.62 -35.03 13.19
C PRO B 344 26.38 -35.71 12.63
N GLU B 345 25.37 -35.88 13.50
CA GLU B 345 24.14 -36.56 13.13
C GLU B 345 23.30 -35.84 12.04
N GLN B 346 23.89 -34.88 11.35
CA GLN B 346 23.14 -33.99 10.46
C GLN B 346 23.79 -33.80 9.11
N ASN B 347 24.83 -34.60 8.82
CA ASN B 347 25.50 -34.49 7.53
C ASN B 347 24.61 -35.10 6.45
N SER B 348 23.86 -36.12 6.85
CA SER B 348 22.99 -36.88 5.94
C SER B 348 21.62 -36.22 5.64
N SER B 349 21.44 -34.99 6.13
CA SER B 349 20.19 -34.25 5.96
C SER B 349 20.13 -33.50 4.62
N LYS B 350 18.95 -33.45 4.01
CA LYS B 350 18.80 -32.80 2.70
C LYS B 350 17.73 -31.72 2.62
N ARG B 351 16.57 -31.96 3.24
CA ARG B 351 15.43 -31.07 3.10
C ARG B 351 15.11 -30.26 4.37
N GLY B 352 15.82 -30.57 5.45
CA GLY B 352 15.60 -29.89 6.72
C GLY B 352 16.47 -30.44 7.83
N LEU B 353 16.24 -29.99 9.05
CA LEU B 353 16.97 -30.53 10.18
C LEU B 353 16.25 -31.75 10.73
N ALA B 354 16.91 -32.90 10.66
CA ALA B 354 16.40 -34.09 11.29
C ALA B 354 16.28 -33.84 12.79
N VAL B 355 15.09 -34.07 13.33
CA VAL B 355 14.84 -33.88 14.75
C VAL B 355 14.20 -35.13 15.33
N ASN B 356 14.32 -35.29 16.65
CA ASN B 356 13.74 -36.45 17.35
C ASN B 356 12.29 -36.22 17.78
N ASP B 357 11.75 -37.13 18.56
CA ASP B 357 10.33 -37.09 18.95
C ASP B 357 9.99 -35.88 19.79
N PHE B 358 11.00 -35.07 20.13
CA PHE B 358 10.79 -33.93 20.99
C PHE B 358 11.15 -32.64 20.25
N LEU B 359 11.33 -32.76 18.94
CA LEU B 359 11.65 -31.65 18.05
C LEU B 359 12.98 -31.00 18.41
N GLN B 360 13.87 -31.81 18.97
CA GLN B 360 15.23 -31.39 19.26
C GLN B 360 16.09 -31.80 18.09
N VAL B 361 16.97 -30.91 17.63
CA VAL B 361 17.85 -31.24 16.50
C VAL B 361 18.87 -32.32 16.88
N LYS B 362 18.81 -33.45 16.18
CA LYS B 362 19.68 -34.59 16.48
C LYS B 362 21.16 -34.19 16.49
N GLY B 363 21.81 -34.41 17.63
CA GLY B 363 23.20 -33.99 17.80
C GLY B 363 23.34 -32.72 18.63
N SER B 364 22.23 -32.25 19.19
CA SER B 364 22.23 -31.06 20.02
C SER B 364 21.28 -31.25 21.20
N ASN B 365 21.52 -30.51 22.29
CA ASN B 365 20.60 -30.44 23.43
C ASN B 365 20.15 -28.99 23.51
N ASN B 366 20.87 -28.20 22.74
CA ASN B 366 20.68 -26.76 22.61
C ASN B 366 19.53 -26.41 21.68
N ILE B 367 19.63 -26.93 20.45
CA ILE B 367 18.85 -26.45 19.32
C ILE B 367 17.62 -27.27 18.96
N PHE B 368 16.46 -26.63 18.93
CA PHE B 368 15.23 -27.24 18.48
C PHE B 368 14.88 -26.67 17.10
N ALA B 369 14.02 -27.36 16.37
CA ALA B 369 13.57 -26.85 15.07
C ALA B 369 12.13 -27.25 14.84
N ILE B 370 11.35 -26.32 14.27
CA ILE B 370 9.94 -26.56 13.94
C ILE B 370 9.60 -25.97 12.59
N GLY B 371 8.44 -26.33 12.02
CA GLY B 371 8.06 -25.82 10.72
C GLY B 371 8.89 -26.35 9.55
N ASP B 372 8.98 -25.58 8.48
CA ASP B 372 9.58 -26.08 7.25
C ASP B 372 11.09 -26.30 7.32
N ASN B 373 11.78 -25.74 8.30
CA ASN B 373 13.24 -25.96 8.35
C ASN B 373 13.68 -27.27 9.06
N ALA B 374 12.68 -27.97 9.61
CA ALA B 374 12.87 -29.24 10.29
C ALA B 374 12.16 -30.34 9.51
N PHE B 375 12.82 -31.50 9.41
CA PHE B 375 12.21 -32.70 8.84
C PHE B 375 11.83 -33.73 9.92
N ALA B 376 10.62 -34.26 9.82
CA ALA B 376 10.12 -35.20 10.83
C ALA B 376 9.09 -36.16 10.23
N GLY B 377 9.08 -36.29 8.91
CA GLY B 377 8.14 -37.16 8.22
C GLY B 377 6.83 -36.48 7.86
N LEU B 378 6.67 -35.24 8.34
CA LEU B 378 5.44 -34.47 8.21
C LEU B 378 5.43 -33.53 7.00
N PRO B 379 4.22 -33.22 6.48
CA PRO B 379 4.10 -32.25 5.38
C PRO B 379 4.61 -30.87 5.80
N PRO B 380 5.17 -30.10 4.85
CA PRO B 380 5.56 -28.71 5.13
C PRO B 380 4.35 -27.77 5.04
N THR B 381 3.58 -27.71 6.12
CA THR B 381 2.39 -26.86 6.19
C THR B 381 2.36 -26.01 7.46
N ALA B 382 1.52 -24.98 7.46
CA ALA B 382 1.34 -24.12 8.61
C ALA B 382 0.70 -24.91 9.72
N GLN B 383 -0.18 -25.84 9.34
CA GLN B 383 -0.89 -26.67 10.28
C GLN B 383 0.09 -27.45 11.15
N VAL B 384 1.07 -28.09 10.52
CA VAL B 384 2.11 -28.81 11.24
C VAL B 384 3.01 -27.87 12.03
N ALA B 385 3.41 -26.76 11.42
CA ALA B 385 4.24 -25.75 12.10
C ALA B 385 3.58 -25.24 13.38
N HIS B 386 2.28 -24.96 13.31
CA HIS B 386 1.57 -24.41 14.45
C HIS B 386 1.35 -25.41 15.60
N GLN B 387 1.12 -26.69 15.27
CA GLN B 387 0.94 -27.71 16.31
C GLN B 387 2.25 -28.09 16.98
N GLU B 388 3.34 -28.04 16.20
CA GLU B 388 4.68 -28.25 16.73
C GLU B 388 5.01 -27.18 17.75
N ALA B 389 4.76 -25.93 17.37
CA ALA B 389 5.10 -24.78 18.19
C ALA B 389 4.38 -24.82 19.52
N GLU B 390 3.07 -25.02 19.47
CA GLU B 390 2.27 -25.11 20.69
C GLU B 390 2.75 -26.26 21.57
N TYR B 391 3.09 -27.39 20.97
CA TYR B 391 3.60 -28.54 21.70
C TYR B 391 4.93 -28.21 22.38
N LEU B 392 5.84 -27.60 21.64
CA LEU B 392 7.16 -27.29 22.13
C LEU B 392 7.15 -26.28 23.29
N ALA B 393 6.23 -25.32 23.24
CA ALA B 393 6.15 -24.31 24.28
C ALA B 393 5.55 -24.91 25.54
N LYS B 394 4.75 -25.96 25.36
CA LYS B 394 4.21 -26.73 26.47
C LYS B 394 5.31 -27.56 27.10
N ASN B 395 6.25 -28.01 26.26
CA ASN B 395 7.43 -28.70 26.78
C ASN B 395 8.34 -27.76 27.55
N PHE B 396 8.32 -26.47 27.22
CA PHE B 396 9.16 -25.51 27.92
C PHE B 396 8.52 -25.11 29.25
N ASP B 397 7.21 -25.26 29.32
CA ASP B 397 6.47 -25.07 30.58
C ASP B 397 6.90 -26.09 31.65
N LYS B 398 7.50 -27.20 31.19
CA LYS B 398 7.86 -28.31 32.05
C LYS B 398 9.33 -28.30 32.45
N MET B 399 10.20 -28.01 31.48
CA MET B 399 11.62 -27.87 31.75
C MET B 399 11.87 -26.81 32.83
N ALA B 400 10.94 -25.86 32.96
CA ALA B 400 11.00 -24.84 34.00
C ALA B 400 10.47 -25.35 35.35
N GLN B 401 10.14 -26.64 35.40
CA GLN B 401 9.65 -27.26 36.63
C GLN B 401 10.56 -28.42 37.02
N ILE B 402 11.66 -28.54 36.30
CA ILE B 402 12.63 -29.62 36.49
C ILE B 402 14.01 -28.98 36.52
N PRO B 403 14.49 -28.66 37.74
CA PRO B 403 15.74 -27.92 37.97
C PRO B 403 16.95 -28.48 37.20
N ASN B 404 16.84 -29.74 36.79
CA ASN B 404 17.88 -30.38 35.97
C ASN B 404 18.08 -29.71 34.60
N PHE B 405 17.00 -29.41 33.89
CA PHE B 405 17.11 -28.77 32.57
C PHE B 405 17.82 -27.43 32.66
N GLN B 406 17.49 -26.66 33.70
CA GLN B 406 18.21 -25.43 34.03
C GLN B 406 19.73 -25.68 34.08
N LYS B 407 20.11 -26.76 34.76
CA LYS B 407 21.52 -27.19 34.85
C LYS B 407 21.93 -28.19 33.76
N ASN B 408 21.55 -29.46 33.98
CA ASN B 408 21.93 -30.58 33.10
C ASN B 408 21.60 -30.34 31.62
N LEU B 418 17.77 -36.50 25.51
CA LEU B 418 18.20 -37.65 26.32
C LEU B 418 17.93 -37.40 27.82
N LEU B 419 17.11 -36.37 28.09
CA LEU B 419 16.70 -36.02 29.46
C LEU B 419 15.17 -36.04 29.53
N PHE B 420 14.55 -36.01 28.35
CA PHE B 420 13.09 -36.00 28.20
C PHE B 420 12.51 -37.38 28.45
N GLU B 421 13.27 -38.39 28.02
CA GLU B 421 12.90 -39.78 28.17
C GLU B 421 12.72 -40.08 29.66
N GLU B 422 13.80 -39.86 30.41
CA GLU B 422 13.83 -40.15 31.84
C GLU B 422 12.81 -39.35 32.64
N ASN B 423 12.37 -38.21 32.08
CA ASN B 423 11.35 -37.40 32.72
C ASN B 423 9.95 -37.64 32.19
N ASN B 424 9.85 -38.51 31.19
CA ASN B 424 8.57 -38.96 30.63
C ASN B 424 7.73 -37.89 29.92
N PHE B 425 8.40 -37.03 29.14
CA PHE B 425 7.73 -36.13 28.21
C PHE B 425 7.13 -36.95 27.06
N LYS B 426 5.82 -36.83 26.85
CA LYS B 426 5.18 -37.46 25.69
C LYS B 426 5.77 -36.87 24.41
N PRO B 427 6.03 -37.70 23.40
CA PRO B 427 6.58 -37.20 22.13
C PRO B 427 5.55 -36.37 21.35
N PHE B 428 6.00 -35.62 20.35
CA PHE B 428 5.08 -34.80 19.56
C PHE B 428 4.15 -35.69 18.72
N LYS B 429 2.84 -35.52 18.90
CA LYS B 429 1.87 -36.26 18.08
C LYS B 429 1.08 -35.32 17.15
N TYR B 430 1.32 -35.41 15.84
CA TYR B 430 0.55 -34.60 14.87
C TYR B 430 -0.87 -35.13 14.66
N ASN B 431 -1.86 -34.25 14.83
CA ASN B 431 -3.25 -34.53 14.50
C ASN B 431 -3.69 -33.75 13.25
N ASP B 432 -3.79 -34.42 12.11
CA ASP B 432 -4.23 -33.72 10.89
C ASP B 432 -5.71 -33.34 11.00
N LEU B 433 -5.99 -32.07 10.82
CA LEU B 433 -7.34 -31.57 11.04
C LEU B 433 -8.10 -31.41 9.71
N GLY B 434 -7.37 -31.51 8.61
CA GLY B 434 -7.98 -31.45 7.30
C GLY B 434 -7.26 -30.57 6.29
N ALA B 435 -8.00 -30.13 5.28
CA ALA B 435 -7.46 -29.29 4.21
C ALA B 435 -8.59 -28.46 3.61
N LEU B 436 -8.24 -27.32 3.01
CA LEU B 436 -9.22 -26.44 2.38
C LEU B 436 -8.65 -25.82 1.09
N ALA B 437 -9.49 -25.64 0.07
CA ALA B 437 -9.06 -24.93 -1.13
C ALA B 437 -10.18 -24.08 -1.77
N TYR B 438 -9.95 -22.76 -1.88
CA TYR B 438 -10.90 -21.92 -2.60
C TYR B 438 -10.67 -22.13 -4.10
N LEU B 439 -11.74 -22.12 -4.89
CA LEU B 439 -11.61 -22.45 -6.32
C LEU B 439 -12.03 -21.32 -7.23
N GLY B 440 -12.27 -20.14 -6.65
CA GLY B 440 -12.77 -19.04 -7.46
C GLY B 440 -14.28 -19.17 -7.60
N SER B 441 -14.94 -18.07 -8.00
CA SER B 441 -16.40 -18.00 -8.14
C SER B 441 -17.20 -18.64 -6.99
N GLU B 442 -16.87 -18.27 -5.76
CA GLU B 442 -17.63 -18.68 -4.57
C GLU B 442 -17.87 -20.19 -4.47
N ARG B 443 -16.84 -20.97 -4.79
CA ARG B 443 -16.87 -22.41 -4.57
C ARG B 443 -15.59 -22.79 -3.87
N ALA B 444 -15.69 -23.78 -2.99
CA ALA B 444 -14.52 -24.31 -2.31
C ALA B 444 -14.67 -25.82 -2.14
N ILE B 445 -13.57 -26.48 -1.82
CA ILE B 445 -13.64 -27.83 -1.31
C ILE B 445 -13.02 -27.88 0.08
N ALA B 446 -13.47 -28.83 0.90
CA ALA B 446 -13.03 -28.93 2.29
C ALA B 446 -13.18 -30.32 2.83
N THR B 447 -12.20 -30.74 3.61
CA THR B 447 -12.31 -31.96 4.39
C THR B 447 -11.88 -31.66 5.81
N ILE B 448 -12.81 -31.78 6.75
CA ILE B 448 -12.53 -31.53 8.17
C ILE B 448 -12.46 -32.85 8.93
N ARG B 449 -11.36 -33.08 9.64
CA ARG B 449 -11.19 -34.34 10.33
C ARG B 449 -10.45 -34.17 11.64
N SER B 450 -10.58 -35.16 12.52
CA SER B 450 -9.80 -35.22 13.76
C SER B 450 -9.54 -36.67 14.10
N GLY B 451 -8.28 -37.05 14.18
CA GLY B 451 -7.94 -38.44 14.37
C GLY B 451 -8.44 -39.26 13.21
N LYS B 452 -9.19 -40.32 13.50
CA LYS B 452 -9.67 -41.22 12.45
C LYS B 452 -10.97 -40.73 11.84
N ARG B 453 -11.65 -39.82 12.53
CA ARG B 453 -12.99 -39.42 12.14
C ARG B 453 -12.99 -38.24 11.17
N THR B 454 -13.84 -38.33 10.15
CA THR B 454 -14.03 -37.25 9.19
C THR B 454 -15.38 -36.63 9.46
N PHE B 455 -15.41 -35.33 9.73
CA PHE B 455 -16.66 -34.65 10.11
C PHE B 455 -17.40 -33.97 8.96
N TYR B 456 -16.65 -33.66 7.91
CA TYR B 456 -17.16 -32.91 6.77
C TYR B 456 -16.21 -33.13 5.62
N THR B 457 -16.75 -33.41 4.45
CA THR B 457 -15.90 -33.54 3.26
C THR B 457 -16.75 -33.35 2.01
N GLY B 458 -16.51 -32.23 1.34
CA GLY B 458 -17.31 -31.88 0.17
C GLY B 458 -16.86 -30.61 -0.50
N GLY B 459 -17.60 -30.21 -1.51
CA GLY B 459 -17.33 -28.97 -2.21
C GLY B 459 -18.63 -28.27 -2.53
N GLY B 460 -18.60 -26.95 -2.69
CA GLY B 460 -19.81 -26.25 -3.03
C GLY B 460 -19.90 -24.82 -2.55
N LEU B 461 -21.09 -24.24 -2.69
CA LEU B 461 -21.38 -22.88 -2.28
C LEU B 461 -21.20 -22.72 -0.77
N MET B 462 -21.90 -23.54 0.01
CA MET B 462 -21.75 -23.50 1.46
C MET B 462 -20.31 -23.80 1.88
N THR B 463 -19.61 -24.68 1.16
CA THR B 463 -18.22 -24.98 1.50
C THR B 463 -17.34 -23.72 1.44
N PHE B 464 -17.65 -22.84 0.48
CA PHE B 464 -16.99 -21.54 0.37
C PHE B 464 -17.24 -20.66 1.60
N TYR B 465 -18.48 -20.59 2.07
CA TYR B 465 -18.73 -19.84 3.29
C TYR B 465 -17.97 -20.47 4.47
N LEU B 466 -17.96 -21.80 4.54
CA LEU B 466 -17.18 -22.48 5.56
C LEU B 466 -15.69 -22.11 5.46
N TRP B 467 -15.17 -22.07 4.24
CA TRP B 467 -13.78 -21.70 3.97
C TRP B 467 -13.45 -20.36 4.65
N ARG B 468 -14.31 -19.36 4.43
CA ARG B 468 -14.10 -18.04 4.99
C ARG B 468 -14.13 -18.03 6.52
N ILE B 469 -15.13 -18.69 7.12
CA ILE B 469 -15.23 -18.75 8.58
C ILE B 469 -14.01 -19.41 9.23
N LEU B 470 -13.64 -20.59 8.73
CA LEU B 470 -12.46 -21.30 9.20
C LEU B 470 -11.19 -20.47 9.11
N TYR B 471 -10.91 -19.90 7.94
CA TYR B 471 -9.68 -19.13 7.78
C TYR B 471 -9.65 -17.88 8.67
N LEU B 472 -10.83 -17.27 8.86
CA LEU B 472 -10.96 -16.13 9.75
C LEU B 472 -10.65 -16.55 11.18
N SER B 473 -10.99 -17.79 11.51
CA SER B 473 -10.81 -18.29 12.87
C SER B 473 -9.37 -18.76 13.13
N MET B 474 -8.57 -18.84 12.06
CA MET B 474 -7.19 -19.31 12.18
C MET B 474 -6.16 -18.17 12.20
N ILE B 475 -6.63 -16.94 11.99
CA ILE B 475 -5.75 -15.78 12.02
C ILE B 475 -5.23 -15.55 13.46
N LEU B 476 -3.96 -15.19 13.58
CA LEU B 476 -3.31 -15.17 14.89
C LEU B 476 -3.55 -13.90 15.77
N SER B 477 -4.27 -12.92 15.24
CA SER B 477 -4.49 -11.66 15.97
C SER B 477 -5.84 -11.03 15.66
N ALA B 478 -6.44 -10.41 16.68
CA ALA B 478 -7.72 -9.71 16.52
C ALA B 478 -7.71 -8.64 15.41
N ARG B 479 -6.63 -7.85 15.37
CA ARG B 479 -6.52 -6.81 14.35
C ARG B 479 -6.63 -7.37 12.94
N SER B 480 -5.77 -8.36 12.63
CA SER B 480 -5.71 -8.93 11.29
C SER B 480 -7.05 -9.54 10.91
N ARG B 481 -7.65 -10.24 11.87
CA ARG B 481 -8.96 -10.82 11.70
C ARG B 481 -10.00 -9.75 11.35
N LEU B 482 -9.95 -8.62 12.05
CA LEU B 482 -10.88 -7.52 11.78
C LEU B 482 -10.68 -6.95 10.36
N LYS B 483 -9.43 -6.71 10.00
CA LYS B 483 -9.09 -6.13 8.69
C LYS B 483 -9.52 -7.04 7.55
N VAL B 484 -9.34 -8.35 7.74
CA VAL B 484 -9.77 -9.31 6.73
C VAL B 484 -11.29 -9.26 6.62
N PHE B 485 -11.94 -9.29 7.77
CA PHE B 485 -13.39 -9.19 7.83
C PHE B 485 -13.92 -7.92 7.11
N PHE B 486 -13.32 -6.77 7.36
CA PHE B 486 -13.73 -5.55 6.65
C PHE B 486 -13.49 -5.67 5.16
N ASP B 487 -12.37 -6.29 4.77
CA ASP B 487 -12.06 -6.44 3.35
C ASP B 487 -13.16 -7.22 2.64
N TRP B 488 -13.65 -8.28 3.28
CA TRP B 488 -14.70 -9.09 2.69
C TRP B 488 -16.04 -8.37 2.67
N ILE B 489 -16.32 -7.56 3.68
CA ILE B 489 -17.53 -6.75 3.70
C ILE B 489 -17.49 -5.76 2.56
N LYS B 490 -16.35 -5.08 2.44
CA LYS B 490 -16.13 -4.07 1.41
C LYS B 490 -16.35 -4.69 0.02
N LEU B 491 -15.88 -5.92 -0.16
CA LEU B 491 -16.00 -6.66 -1.41
C LEU B 491 -17.45 -6.92 -1.83
N ALA B 492 -18.32 -7.10 -0.86
CA ALA B 492 -19.74 -7.33 -1.15
C ALA B 492 -20.39 -6.12 -1.81
N PHE B 493 -19.78 -4.95 -1.68
CA PHE B 493 -20.37 -3.71 -2.20
C PHE B 493 -19.55 -3.04 -3.30
N PHE B 494 -18.25 -3.32 -3.35
CA PHE B 494 -17.37 -2.59 -4.26
C PHE B 494 -16.37 -3.47 -4.96
N LYS B 495 -15.83 -2.97 -6.07
CA LYS B 495 -14.77 -3.69 -6.77
C LYS B 495 -13.49 -3.64 -5.96
N ARG B 496 -12.68 -4.69 -6.10
CA ARG B 496 -11.39 -4.77 -5.45
C ARG B 496 -10.51 -3.59 -5.84
N ASP B 497 -9.69 -3.13 -4.91
CA ASP B 497 -8.61 -2.19 -5.20
C ASP B 497 -7.51 -2.89 -6.01
N PHE B 498 -7.22 -2.36 -7.18
CA PHE B 498 -6.18 -2.91 -8.01
C PHE B 498 -5.31 -1.78 -8.52
N PHE B 499 -4.51 -1.18 -7.63
CA PHE B 499 -3.63 -0.08 -7.99
C PHE B 499 -2.26 -0.60 -8.35
N LYS B 500 -1.79 -0.19 -9.52
CA LYS B 500 -0.46 -0.55 -10.01
C LYS B 500 0.61 -0.32 -8.94
N GLY B 501 0.62 0.87 -8.33
CA GLY B 501 1.70 1.23 -7.43
C GLY B 501 1.33 1.44 -5.96
N LEU B 502 0.36 0.69 -5.45
CA LEU B 502 0.01 0.77 -4.04
C LEU B 502 -0.29 -0.62 -3.47
#